data_8VEY
#
_entry.id   8VEY
#
_cell.length_a   102.310
_cell.length_b   136.740
_cell.length_c   177.750
_cell.angle_alpha   90.00
_cell.angle_beta   90.00
_cell.angle_gamma   90.00
#
_symmetry.space_group_name_H-M   'I 2 2 2'
#
loop_
_entity.id
_entity.type
_entity.pdbx_description
1 polymer 'Protein arginine N-methyltransferase 5'
2 polymer 'Methylosome protein 50'
3 non-polymer "5'-DEOXY-5'-METHYLTHIOADENOSINE"
4 non-polymer N-(6-amino-5-methylpyridin-3-yl)-2-[(2R,5S)-2-(1,3-benzothiazol-5-yl)-5-methylpiperidin-1-yl]-2-oxoacetamide
5 non-polymer DI(HYDROXYETHYL)ETHER
6 non-polymer 1,2-ETHANEDIOL
7 non-polymer 'CHLORIDE ION'
8 water water
#
loop_
_entity_poly.entity_id
_entity_poly.type
_entity_poly.pdbx_seq_one_letter_code
_entity_poly.pdbx_strand_id
1 'polypeptide(L)'
;MDYKDDDDKAAMAVGGAGGSRVSSGRDLNCVPEIADTLGAVAKQGFDFLCMPVFHPRFKREFIQEPAKNRPGPQTRSDLL
LSGRDWNTLIVGKLSPWIRPDSKVEKIRRNSEAAMLQELNFGAYLGLPAFLLPLNQEDNTNLARVLTNHIHTGHHSSMFW
MRVPLVAPEDLRDDIIENAPTTHTEEYSGEEKTWMWWHNFRTLCDYSKRIAVALEIGADLPSNHVIDRWLGEPIKAAILP
TSIFLTNKKGFPVLSKMHQRLIFRLLKLEVQFIITGTNHHSEKEFCSYLQYLEYLSQNRPPPNAYELFAKGYEDYLQSPL
QPLMDNLESQTYEVFEKDPIKYSQYQQAIYKCLLDRVPEEEKDTNVQVLMVLGAGRGPLVNASLRAAKQADRRIKLYAVE
KNPNAVVTLENWQFEEWGSQVTVVSSDMREWVAPEKADIIVSELLGSFADNELSPECLDGAQHFLKDDGVSIPGEYTSFL
APISSSKLYNEVRACREKDRDPEAQFEMPYVVRLHNFHQLSAPQPCFTFSHPNRDPMIDNNRYCTLEFPVEVNTVLHGFA
GYFETVLYQDITLSIRPETHSPGMFSWFPILFPIKQPITVREGQTICVRFWRCSNSKKVWYEWAVTAPVCSAIHNPTGRS
YTIGL
;
A
2 'polypeptide(L)'
;MHHHHHHHHRKETPPPLVPPAAREWNLPPNAPACMERQLEAARYRSDGALLLGASSLSGRCWAGSLWLFKDPCAAPNEGF
CSAGVQTEAGVADLTWVGERGILVASDSGAVELWELDENETLIVSKFCKYEHDDIVSTVSVLSSGTQAVSGSKDICIKVW
DLAQQVVLSSYRAHAAQVTCVAASPHKDSVFLSCSEDNRILLWDTRCPKPASQIGCSAPGYLPTSLAWHPQQSEVFVFGD
ENGTVSLVDTKSTSCVLSSAVHSQCVTGLVFSPHSVPFLASLSEDCSLAVLDSSLSELFRSQAHRDFVRDATWSPLNHSL
LTTVGWDHQVVHHVVPTEPLPAPGPASVTE
;
B
#
# COMPACT_ATOMS: atom_id res chain seq x y z
N ARG A 21 -0.39 -0.24 -20.86
CA ARG A 21 -1.65 -0.45 -20.06
C ARG A 21 -1.28 -0.98 -18.67
N VAL A 22 -2.28 -1.20 -17.82
CA VAL A 22 -2.13 -1.46 -16.35
C VAL A 22 -1.61 -2.89 -16.14
N SER A 23 -0.78 -3.07 -15.11
CA SER A 23 -0.38 -4.39 -14.54
C SER A 23 -1.30 -4.73 -13.37
N SER A 24 -2.27 -5.61 -13.59
CA SER A 24 -3.40 -5.91 -12.67
C SER A 24 -3.21 -7.27 -11.99
N GLY A 25 -3.81 -7.44 -10.81
CA GLY A 25 -3.87 -8.72 -10.07
C GLY A 25 -5.24 -8.95 -9.48
N ARG A 26 -5.61 -10.23 -9.30
CA ARG A 26 -6.90 -10.65 -8.68
C ARG A 26 -6.64 -11.11 -7.24
N ASP A 27 -7.44 -10.63 -6.29
CA ASP A 27 -7.42 -11.05 -4.87
C ASP A 27 -8.61 -11.98 -4.62
N LEU A 28 -8.34 -13.23 -4.27
CA LEU A 28 -9.35 -14.23 -3.86
C LEU A 28 -9.01 -14.74 -2.45
N ASN A 29 -10.02 -15.08 -1.66
CA ASN A 29 -9.87 -15.74 -0.33
C ASN A 29 -10.50 -17.13 -0.40
N CYS A 30 -10.88 -17.59 -1.60
CA CYS A 30 -11.50 -18.91 -1.87
C CYS A 30 -10.91 -19.49 -3.15
N VAL A 31 -10.11 -20.56 -3.03
CA VAL A 31 -9.44 -21.26 -4.16
C VAL A 31 -9.77 -22.75 -4.05
N PRO A 32 -10.87 -23.23 -4.68
CA PRO A 32 -11.22 -24.65 -4.62
C PRO A 32 -10.07 -25.52 -5.13
N GLU A 33 -9.54 -25.21 -6.32
CA GLU A 33 -8.28 -25.82 -6.85
C GLU A 33 -7.53 -24.76 -7.66
N ILE A 34 -6.22 -24.64 -7.39
CA ILE A 34 -5.34 -23.52 -7.84
C ILE A 34 -5.26 -23.48 -9.37
N ALA A 35 -5.18 -24.64 -10.03
CA ALA A 35 -4.98 -24.77 -11.49
C ALA A 35 -6.14 -24.12 -12.25
N ASP A 36 -7.38 -24.51 -11.93
CA ASP A 36 -8.62 -24.00 -12.57
C ASP A 36 -8.81 -22.51 -12.25
N THR A 37 -8.50 -22.12 -11.01
CA THR A 37 -8.62 -20.72 -10.51
C THR A 37 -7.65 -19.81 -11.26
N LEU A 38 -6.38 -20.19 -11.32
CA LEU A 38 -5.29 -19.39 -11.98
C LEU A 38 -5.59 -19.25 -13.47
N GLY A 39 -6.08 -20.33 -14.11
CA GLY A 39 -6.50 -20.34 -15.52
C GLY A 39 -7.64 -19.38 -15.78
N ALA A 40 -8.59 -19.28 -14.84
CA ALA A 40 -9.80 -18.42 -14.93
C ALA A 40 -9.40 -16.94 -14.88
N VAL A 41 -8.53 -16.56 -13.94
CA VAL A 41 -8.09 -15.14 -13.74
C VAL A 41 -7.18 -14.73 -14.90
N ALA A 42 -6.50 -15.69 -15.53
CA ALA A 42 -5.65 -15.47 -16.73
C ALA A 42 -6.55 -15.05 -17.91
N LYS A 43 -7.63 -15.80 -18.16
CA LYS A 43 -8.62 -15.51 -19.23
C LYS A 43 -9.24 -14.13 -19.02
N GLN A 44 -9.55 -13.79 -17.76
CA GLN A 44 -10.11 -12.47 -17.34
C GLN A 44 -9.11 -11.35 -17.68
N GLY A 45 -7.81 -11.67 -17.65
CA GLY A 45 -6.72 -10.78 -18.13
C GLY A 45 -5.83 -10.28 -17.00
N PHE A 46 -5.87 -10.92 -15.83
CA PHE A 46 -5.04 -10.58 -14.64
C PHE A 46 -3.63 -11.15 -14.84
N ASP A 47 -2.61 -10.39 -14.42
CA ASP A 47 -1.17 -10.71 -14.60
C ASP A 47 -0.68 -11.60 -13.45
N PHE A 48 -1.32 -11.52 -12.27
CA PHE A 48 -0.97 -12.32 -11.08
C PHE A 48 -2.21 -12.53 -10.21
N LEU A 49 -2.10 -13.44 -9.24
CA LEU A 49 -3.19 -13.87 -8.32
C LEU A 49 -2.70 -13.75 -6.87
N CYS A 50 -3.44 -13.04 -6.03
CA CYS A 50 -3.28 -13.00 -4.55
C CYS A 50 -4.22 -14.05 -3.94
N MET A 51 -3.68 -14.98 -3.13
CA MET A 51 -4.44 -16.13 -2.59
C MET A 51 -3.82 -16.63 -1.28
N PRO A 52 -4.58 -17.36 -0.44
CA PRO A 52 -4.02 -18.05 0.72
C PRO A 52 -3.17 -19.27 0.32
N VAL A 53 -2.04 -19.48 1.01
CA VAL A 53 -1.13 -20.65 0.81
C VAL A 53 -1.51 -21.76 1.80
N PHE A 54 -2.26 -21.41 2.85
CA PHE A 54 -3.05 -22.33 3.72
C PHE A 54 -4.51 -21.85 3.70
N HIS A 55 -5.48 -22.76 3.75
CA HIS A 55 -6.93 -22.43 3.77
C HIS A 55 -7.20 -21.44 4.90
N PRO A 56 -7.85 -20.29 4.64
CA PRO A 56 -8.01 -19.24 5.64
C PRO A 56 -8.66 -19.67 6.96
N ARG A 57 -9.59 -20.64 6.92
CA ARG A 57 -10.37 -21.11 8.10
C ARG A 57 -9.62 -22.23 8.83
N PHE A 58 -8.58 -22.80 8.23
CA PHE A 58 -7.84 -23.98 8.76
C PHE A 58 -6.86 -23.55 9.86
N LYS A 59 -7.40 -23.12 11.01
CA LYS A 59 -6.61 -22.71 12.20
C LYS A 59 -5.82 -23.91 12.72
N ARG A 60 -4.56 -23.71 13.09
CA ARG A 60 -3.60 -24.77 13.48
C ARG A 60 -3.05 -24.48 14.88
N GLU A 61 -2.94 -25.52 15.72
CA GLU A 61 -2.39 -25.47 17.10
C GLU A 61 -0.93 -25.95 17.07
N PHE A 62 -0.05 -25.28 17.81
CA PHE A 62 1.42 -25.53 17.84
C PHE A 62 1.90 -25.92 19.24
N ILE A 63 1.11 -25.66 20.29
CA ILE A 63 1.51 -25.85 21.72
C ILE A 63 0.68 -26.99 22.33
N GLN A 64 -0.62 -26.76 22.53
CA GLN A 64 -1.51 -27.62 23.37
C GLN A 64 -1.99 -28.84 22.57
N GLU A 65 -1.87 -30.03 23.15
CA GLU A 65 -2.40 -31.31 22.61
C GLU A 65 -3.90 -31.37 22.90
N PRO A 66 -4.72 -32.14 22.13
CA PRO A 66 -4.23 -33.00 21.05
C PRO A 66 -4.16 -32.37 19.65
N ALA A 67 -4.77 -31.20 19.45
CA ALA A 67 -4.83 -30.46 18.15
C ALA A 67 -3.43 -30.29 17.57
N LYS A 68 -2.43 -30.12 18.44
CA LYS A 68 -0.97 -30.07 18.13
C LYS A 68 -0.61 -31.16 17.11
N ASN A 69 -1.08 -32.40 17.34
CA ASN A 69 -0.67 -33.62 16.59
C ASN A 69 -1.66 -33.93 15.48
N ARG A 70 -2.27 -32.90 14.88
CA ARG A 70 -3.25 -33.03 13.75
C ARG A 70 -2.56 -33.71 12.57
N PRO A 71 -3.09 -34.84 12.04
CA PRO A 71 -2.55 -35.47 10.84
C PRO A 71 -2.49 -34.51 9.64
N GLY A 72 -1.43 -34.60 8.84
CA GLY A 72 -1.25 -33.81 7.60
C GLY A 72 -2.01 -34.42 6.43
N PRO A 73 -1.91 -33.85 5.20
CA PRO A 73 -1.10 -32.67 4.93
C PRO A 73 -1.66 -31.37 5.52
N GLN A 74 -0.80 -30.38 5.75
CA GLN A 74 -1.13 -29.08 6.40
C GLN A 74 -1.62 -28.07 5.35
N THR A 75 -1.30 -28.29 4.07
CA THR A 75 -1.82 -27.49 2.92
C THR A 75 -1.59 -28.24 1.60
N ARG A 76 -1.94 -27.61 0.48
CA ARG A 76 -1.82 -28.17 -0.89
C ARG A 76 -0.34 -28.27 -1.27
N SER A 77 -0.01 -29.10 -2.27
CA SER A 77 1.38 -29.45 -2.69
C SER A 77 1.96 -28.36 -3.58
N ASP A 78 3.28 -28.16 -3.49
CA ASP A 78 4.09 -27.23 -4.34
C ASP A 78 4.20 -27.78 -5.77
N LEU A 79 3.86 -29.05 -6.00
CA LEU A 79 3.94 -29.71 -7.33
C LEU A 79 2.75 -29.30 -8.22
N LEU A 80 1.73 -28.62 -7.68
CA LEU A 80 0.49 -28.26 -8.40
C LEU A 80 0.75 -27.17 -9.45
N LEU A 81 1.79 -26.35 -9.25
CA LEU A 81 2.25 -25.33 -10.23
C LEU A 81 3.75 -25.49 -10.50
N SER A 82 4.23 -24.95 -11.63
CA SER A 82 5.67 -24.90 -12.00
C SER A 82 6.37 -23.82 -11.17
N GLY A 83 7.68 -23.93 -11.01
CA GLY A 83 8.53 -22.94 -10.31
C GLY A 83 8.37 -21.55 -10.87
N ARG A 84 8.27 -21.43 -12.20
CA ARG A 84 8.03 -20.16 -12.93
C ARG A 84 6.74 -19.51 -12.41
N ASP A 85 5.65 -20.30 -12.30
CA ASP A 85 4.31 -19.83 -11.90
C ASP A 85 4.36 -19.26 -10.46
N TRP A 86 4.95 -20.00 -9.52
CA TRP A 86 5.12 -19.55 -8.10
C TRP A 86 5.92 -18.25 -8.06
N ASN A 87 6.99 -18.15 -8.85
CA ASN A 87 7.96 -17.01 -8.85
C ASN A 87 7.32 -15.75 -9.45
N THR A 88 6.32 -15.90 -10.34
CA THR A 88 5.79 -14.81 -11.19
C THR A 88 4.32 -14.49 -10.86
N LEU A 89 3.45 -15.52 -10.80
CA LEU A 89 1.98 -15.36 -10.89
C LEU A 89 1.29 -15.37 -9.53
N ILE A 90 1.94 -15.87 -8.46
CA ILE A 90 1.29 -16.12 -7.14
C ILE A 90 1.83 -15.14 -6.10
N VAL A 91 0.91 -14.40 -5.44
CA VAL A 91 1.20 -13.54 -4.25
C VAL A 91 0.52 -14.19 -3.04
N GLY A 92 1.30 -14.53 -2.00
CA GLY A 92 0.81 -15.16 -0.76
C GLY A 92 0.03 -14.19 0.09
N LYS A 93 -0.90 -14.70 0.91
CA LYS A 93 -1.70 -13.91 1.89
C LYS A 93 -1.61 -14.59 3.27
N LEU A 94 -1.28 -13.82 4.31
CA LEU A 94 -1.33 -14.30 5.71
C LEU A 94 -2.78 -14.65 6.07
N SER A 95 -3.00 -15.83 6.65
CA SER A 95 -4.33 -16.32 7.12
C SER A 95 -4.91 -15.30 8.10
N PRO A 96 -6.21 -14.95 7.99
CA PRO A 96 -6.78 -13.86 8.78
C PRO A 96 -6.87 -14.15 10.29
N TRP A 97 -6.83 -15.43 10.70
CA TRP A 97 -6.92 -15.86 12.13
C TRP A 97 -5.60 -15.59 12.86
N ILE A 98 -4.49 -15.40 12.13
CA ILE A 98 -3.14 -15.16 12.71
C ILE A 98 -3.09 -13.73 13.28
N ARG A 99 -3.02 -13.62 14.61
CA ARG A 99 -3.05 -12.33 15.37
C ARG A 99 -1.86 -12.31 16.32
N PRO A 100 -0.66 -11.91 15.87
CA PRO A 100 0.52 -11.87 16.72
C PRO A 100 0.47 -10.84 17.85
N ASP A 101 -0.45 -9.86 17.78
CA ASP A 101 -0.60 -8.78 18.78
C ASP A 101 -1.94 -8.94 19.53
N SER A 102 -2.40 -10.19 19.67
CA SER A 102 -3.56 -10.56 20.52
C SER A 102 -3.25 -10.22 21.99
N LYS A 103 -4.27 -9.87 22.78
CA LYS A 103 -4.16 -9.59 24.23
C LYS A 103 -4.00 -10.91 24.99
N VAL A 104 -4.45 -12.02 24.39
CA VAL A 104 -4.38 -13.40 24.96
C VAL A 104 -3.01 -13.99 24.61
N GLU A 105 -2.22 -14.36 25.63
CA GLU A 105 -0.85 -14.92 25.49
C GLU A 105 -0.88 -16.15 24.58
N LYS A 106 -1.81 -17.09 24.84
CA LYS A 106 -2.00 -18.35 24.07
C LYS A 106 -2.09 -18.02 22.57
N ILE A 107 -2.90 -17.02 22.20
CA ILE A 107 -3.16 -16.63 20.79
C ILE A 107 -1.92 -15.97 20.20
N ARG A 108 -1.21 -15.16 21.00
CA ARG A 108 0.08 -14.51 20.63
C ARG A 108 1.09 -15.58 20.19
N ARG A 109 1.48 -16.45 21.14
CA ARG A 109 2.55 -17.47 20.96
C ARG A 109 2.23 -18.39 19.77
N ASN A 110 0.96 -18.75 19.61
CA ASN A 110 0.46 -19.64 18.54
C ASN A 110 0.52 -18.91 17.19
N SER A 111 0.13 -17.63 17.16
CA SER A 111 0.09 -16.76 15.96
C SER A 111 1.52 -16.46 15.48
N GLU A 112 2.46 -16.27 16.42
CA GLU A 112 3.91 -16.14 16.15
C GLU A 112 4.39 -17.33 15.33
N ALA A 113 4.13 -18.55 15.81
CA ALA A 113 4.54 -19.83 15.19
C ALA A 113 3.83 -20.00 13.85
N ALA A 114 2.54 -19.66 13.78
CA ALA A 114 1.69 -19.74 12.57
C ALA A 114 2.23 -18.79 11.50
N MET A 115 2.57 -17.56 11.89
CA MET A 115 3.06 -16.49 10.98
C MET A 115 4.37 -16.94 10.32
N LEU A 116 5.33 -17.41 11.12
CA LEU A 116 6.65 -17.91 10.64
C LEU A 116 6.44 -19.06 9.66
N GLN A 117 5.52 -19.98 9.98
CA GLN A 117 5.19 -21.17 9.15
C GLN A 117 4.74 -20.72 7.75
N GLU A 118 3.81 -19.77 7.68
CA GLU A 118 3.21 -19.29 6.40
C GLU A 118 4.27 -18.49 5.61
N LEU A 119 5.02 -17.62 6.28
CA LEU A 119 6.12 -16.82 5.68
C LEU A 119 7.19 -17.77 5.11
N ASN A 120 7.58 -18.78 5.89
CA ASN A 120 8.64 -19.76 5.52
C ASN A 120 8.17 -20.62 4.34
N PHE A 121 6.87 -20.91 4.24
CA PHE A 121 6.28 -21.69 3.12
C PHE A 121 6.28 -20.83 1.86
N GLY A 122 6.01 -19.52 2.01
CA GLY A 122 6.11 -18.53 0.91
C GLY A 122 7.52 -18.46 0.36
N ALA A 123 8.53 -18.44 1.25
CA ALA A 123 9.97 -18.41 0.91
C ALA A 123 10.36 -19.72 0.21
N TYR A 124 9.80 -20.84 0.66
CA TYR A 124 9.99 -22.21 0.10
C TYR A 124 9.49 -22.25 -1.35
N LEU A 125 8.33 -21.64 -1.61
CA LEU A 125 7.69 -21.57 -2.95
C LEU A 125 8.34 -20.48 -3.81
N GLY A 126 9.17 -19.62 -3.21
CA GLY A 126 9.89 -18.53 -3.90
C GLY A 126 8.94 -17.49 -4.47
N LEU A 127 7.93 -17.08 -3.68
CA LEU A 127 6.89 -16.10 -4.09
C LEU A 127 7.50 -14.72 -4.21
N PRO A 128 7.13 -13.91 -5.23
CA PRO A 128 7.70 -12.58 -5.42
C PRO A 128 7.19 -11.55 -4.40
N ALA A 129 6.02 -11.80 -3.79
CA ALA A 129 5.39 -10.93 -2.77
C ALA A 129 4.52 -11.75 -1.83
N PHE A 130 4.35 -11.27 -0.59
CA PHE A 130 3.50 -11.87 0.47
C PHE A 130 2.74 -10.74 1.18
N LEU A 131 1.40 -10.83 1.23
CA LEU A 131 0.50 -9.81 1.83
C LEU A 131 0.33 -10.07 3.33
N LEU A 132 0.53 -9.05 4.16
CA LEU A 132 0.22 -9.05 5.62
C LEU A 132 -0.62 -7.81 5.94
N PRO A 133 -1.71 -7.95 6.73
CA PRO A 133 -2.58 -6.83 7.05
C PRO A 133 -2.07 -5.95 8.21
N LEU A 134 -2.28 -4.63 8.10
CA LEU A 134 -2.28 -3.68 9.22
C LEU A 134 -3.67 -3.06 9.31
N ASN A 135 -4.47 -3.48 10.30
CA ASN A 135 -5.88 -3.01 10.48
C ASN A 135 -6.11 -2.65 11.96
N GLN A 136 -5.04 -2.38 12.72
CA GLN A 136 -5.11 -1.77 14.08
C GLN A 136 -3.81 -0.98 14.33
N GLU A 137 -3.73 -0.31 15.48
CA GLU A 137 -2.62 0.62 15.85
C GLU A 137 -1.37 -0.19 16.26
N ASP A 138 -1.55 -1.21 17.11
CA ASP A 138 -0.44 -2.00 17.71
C ASP A 138 -0.16 -3.23 16.85
N ASN A 139 0.93 -3.19 16.07
CA ASN A 139 1.44 -4.32 15.25
C ASN A 139 2.92 -4.55 15.61
N THR A 140 3.27 -4.32 16.87
CA THR A 140 4.67 -4.36 17.38
C THR A 140 5.22 -5.79 17.29
N ASN A 141 4.45 -6.78 17.74
CA ASN A 141 4.84 -8.21 17.73
C ASN A 141 4.88 -8.72 16.28
N LEU A 142 3.90 -8.33 15.46
CA LEU A 142 3.86 -8.62 14.00
C LEU A 142 5.20 -8.19 13.37
N ALA A 143 5.63 -6.96 13.67
CA ALA A 143 6.90 -6.37 13.17
C ALA A 143 8.09 -7.21 13.65
N ARG A 144 8.10 -7.58 14.93
CA ARG A 144 9.20 -8.34 15.58
C ARG A 144 9.41 -9.68 14.86
N VAL A 145 8.31 -10.37 14.52
CA VAL A 145 8.34 -11.70 13.84
C VAL A 145 8.80 -11.50 12.39
N LEU A 146 8.22 -10.52 11.68
CA LEU A 146 8.57 -10.23 10.26
C LEU A 146 10.05 -9.84 10.16
N THR A 147 10.52 -8.98 11.06
CA THR A 147 11.94 -8.48 11.10
C THR A 147 12.87 -9.68 11.30
N ASN A 148 12.50 -10.62 12.17
CA ASN A 148 13.29 -11.86 12.46
C ASN A 148 13.36 -12.72 11.20
N HIS A 149 12.24 -12.90 10.51
CA HIS A 149 12.12 -13.70 9.26
C HIS A 149 12.99 -13.06 8.16
N ILE A 150 12.92 -11.74 8.02
CA ILE A 150 13.71 -10.95 7.02
C ILE A 150 15.21 -11.22 7.24
N HIS A 151 15.64 -11.27 8.51
CA HIS A 151 17.07 -11.41 8.93
C HIS A 151 17.43 -12.89 9.11
N THR A 152 16.73 -13.79 8.40
CA THR A 152 17.01 -15.25 8.38
C THR A 152 17.22 -15.67 6.91
N GLY A 153 18.45 -15.50 6.40
CA GLY A 153 18.83 -15.79 5.01
C GLY A 153 18.45 -14.66 4.07
N HIS A 154 19.39 -14.16 3.27
CA HIS A 154 19.20 -13.07 2.28
C HIS A 154 18.31 -13.56 1.12
N HIS A 155 17.08 -13.01 1.03
CA HIS A 155 16.06 -13.35 0.01
C HIS A 155 15.66 -12.08 -0.77
N SER A 156 14.97 -12.26 -1.90
CA SER A 156 14.49 -11.18 -2.80
C SER A 156 13.04 -10.80 -2.49
N SER A 157 12.27 -11.73 -1.90
CA SER A 157 10.78 -11.64 -1.76
C SER A 157 10.37 -10.30 -1.12
N MET A 158 9.27 -9.73 -1.60
CA MET A 158 8.67 -8.46 -1.09
C MET A 158 7.59 -8.81 -0.06
N PHE A 159 7.35 -7.89 0.88
CA PHE A 159 6.23 -7.95 1.85
C PHE A 159 5.34 -6.71 1.63
N TRP A 160 4.14 -6.94 1.08
CA TRP A 160 3.11 -5.90 0.86
C TRP A 160 2.25 -5.79 2.12
N MET A 161 2.44 -4.72 2.91
CA MET A 161 1.61 -4.41 4.10
C MET A 161 0.28 -3.80 3.62
N ARG A 162 -0.81 -4.54 3.77
CA ARG A 162 -2.19 -4.13 3.38
C ARG A 162 -2.70 -3.12 4.41
N VAL A 163 -2.74 -1.83 4.02
CA VAL A 163 -3.15 -0.69 4.89
C VAL A 163 -4.36 -0.02 4.26
N PRO A 164 -5.45 0.21 5.02
CA PRO A 164 -6.61 0.94 4.52
C PRO A 164 -6.32 2.44 4.43
N LEU A 165 -6.77 3.10 3.36
CA LEU A 165 -6.71 4.58 3.21
C LEU A 165 -7.57 5.23 4.29
N VAL A 166 -8.66 4.57 4.69
CA VAL A 166 -9.54 4.96 5.83
C VAL A 166 -9.83 3.70 6.66
N ALA A 167 -9.56 3.76 7.97
CA ALA A 167 -9.79 2.67 8.93
C ALA A 167 -11.26 2.24 8.87
N PRO A 168 -11.57 0.91 8.91
CA PRO A 168 -12.95 0.45 8.88
C PRO A 168 -13.84 1.08 9.97
N GLU A 169 -13.25 1.36 11.14
CA GLU A 169 -13.92 2.01 12.30
C GLU A 169 -14.43 3.40 11.90
N ASP A 170 -13.70 4.11 11.04
CA ASP A 170 -14.00 5.49 10.59
C ASP A 170 -14.76 5.47 9.26
N LEU A 171 -15.08 4.27 8.74
CA LEU A 171 -15.78 4.05 7.46
C LEU A 171 -17.16 3.41 7.71
N ARG A 172 -17.39 2.90 8.92
CA ARG A 172 -18.62 2.13 9.30
C ARG A 172 -19.86 3.00 9.10
N ASP A 173 -21.01 2.36 8.83
CA ASP A 173 -22.34 3.01 8.73
C ASP A 173 -22.72 3.52 10.12
N ASP A 174 -23.34 4.71 10.20
CA ASP A 174 -23.78 5.35 11.47
C ASP A 174 -25.12 4.73 11.87
N ILE A 175 -25.10 3.46 12.27
CA ILE A 175 -26.31 2.64 12.53
C ILE A 175 -26.26 2.03 13.95
N ILE A 176 -25.25 2.39 14.76
CA ILE A 176 -25.17 1.99 16.20
C ILE A 176 -25.77 3.13 17.04
N GLU A 177 -26.88 2.85 17.72
CA GLU A 177 -27.72 3.83 18.45
C GLU A 177 -26.91 4.53 19.55
N ASN A 178 -26.12 3.78 20.32
CA ASN A 178 -25.42 4.26 21.54
C ASN A 178 -23.92 4.43 21.28
N ALA A 179 -23.49 4.37 20.02
CA ALA A 179 -22.09 4.63 19.59
C ALA A 179 -22.11 5.32 18.23
N PRO A 180 -22.44 6.63 18.19
CA PRO A 180 -22.53 7.37 16.93
C PRO A 180 -21.14 7.69 16.35
N THR A 181 -21.04 7.80 15.02
CA THR A 181 -19.82 8.19 14.29
C THR A 181 -19.50 9.66 14.61
N THR A 182 -18.30 9.93 15.12
CA THR A 182 -17.84 11.28 15.54
C THR A 182 -17.83 12.21 14.31
N HIS A 183 -18.79 13.13 14.26
CA HIS A 183 -18.99 14.09 13.12
C HIS A 183 -17.99 15.25 13.26
N THR A 184 -17.42 15.44 14.45
CA THR A 184 -16.35 16.44 14.74
C THR A 184 -15.10 16.09 13.94
N GLU A 185 -14.41 17.10 13.40
CA GLU A 185 -13.18 16.93 12.57
C GLU A 185 -11.99 16.66 13.48
N GLU A 186 -11.20 15.62 13.17
CA GLU A 186 -9.89 15.31 13.80
C GLU A 186 -8.85 15.15 12.68
N TYR A 187 -8.03 16.18 12.45
CA TYR A 187 -7.06 16.28 11.34
C TYR A 187 -6.06 15.11 11.43
N SER A 188 -5.42 14.96 12.59
CA SER A 188 -4.42 13.89 12.87
C SER A 188 -5.11 12.53 12.99
N GLY A 189 -6.28 12.50 13.64
CA GLY A 189 -7.10 11.28 13.83
C GLY A 189 -7.48 10.63 12.50
N GLU A 190 -7.74 11.43 11.46
CA GLU A 190 -8.15 10.97 10.11
C GLU A 190 -6.92 10.42 9.34
N GLU A 191 -5.71 10.63 9.87
CA GLU A 191 -4.44 10.15 9.27
C GLU A 191 -3.92 8.91 10.01
N LYS A 192 -4.66 8.41 11.00
CA LYS A 192 -4.23 7.32 11.93
C LYS A 192 -3.67 6.13 11.14
N THR A 193 -4.26 5.82 9.98
CA THR A 193 -3.93 4.64 9.13
C THR A 193 -2.48 4.74 8.63
N TRP A 194 -2.02 5.96 8.34
CA TRP A 194 -0.62 6.24 7.92
C TRP A 194 0.33 5.99 9.10
N MET A 195 -0.08 6.37 10.32
CA MET A 195 0.70 6.21 11.57
C MET A 195 0.89 4.71 11.87
N TRP A 196 -0.10 3.87 11.51
CA TRP A 196 -0.02 2.40 11.64
C TRP A 196 1.18 1.89 10.83
N TRP A 197 1.27 2.33 9.57
CA TRP A 197 2.33 1.97 8.60
C TRP A 197 3.68 2.56 9.05
N HIS A 198 3.70 3.85 9.41
CA HIS A 198 4.92 4.59 9.80
C HIS A 198 5.59 3.91 11.00
N ASN A 199 4.81 3.60 12.03
CA ASN A 199 5.29 2.94 13.27
C ASN A 199 5.86 1.56 12.91
N PHE A 200 5.18 0.83 12.02
CA PHE A 200 5.54 -0.56 11.61
C PHE A 200 6.88 -0.55 10.87
N ARG A 201 6.99 0.25 9.81
CA ARG A 201 8.20 0.34 8.93
C ARG A 201 9.38 0.92 9.73
N THR A 202 9.12 1.74 10.75
CA THR A 202 10.13 2.29 11.68
C THR A 202 10.67 1.16 12.56
N LEU A 203 9.77 0.33 13.11
CA LEU A 203 10.11 -0.85 13.96
C LEU A 203 10.95 -1.85 13.16
N CYS A 204 10.62 -2.06 11.88
CA CYS A 204 11.31 -3.00 10.95
C CYS A 204 12.53 -2.33 10.32
N ASP A 205 12.84 -1.09 10.71
CA ASP A 205 14.12 -0.38 10.41
C ASP A 205 14.20 -0.10 8.90
N TYR A 206 13.11 0.42 8.32
CA TYR A 206 13.00 0.87 6.91
C TYR A 206 13.54 -0.22 5.96
N SER A 207 13.16 -1.48 6.19
CA SER A 207 13.52 -2.63 5.33
C SER A 207 13.02 -2.37 3.90
N LYS A 208 13.90 -2.55 2.90
CA LYS A 208 13.59 -2.32 1.45
C LYS A 208 12.61 -3.39 0.96
N ARG A 209 12.45 -4.49 1.71
CA ARG A 209 11.58 -5.65 1.35
C ARG A 209 10.14 -5.40 1.82
N ILE A 210 9.90 -4.33 2.59
CA ILE A 210 8.56 -3.99 3.15
C ILE A 210 7.99 -2.77 2.40
N ALA A 211 6.93 -2.99 1.61
CA ALA A 211 6.22 -1.97 0.81
C ALA A 211 4.75 -1.90 1.27
N VAL A 212 3.97 -1.01 0.65
CA VAL A 212 2.55 -0.72 1.02
C VAL A 212 1.62 -1.25 -0.08
N ALA A 213 0.53 -1.92 0.33
CA ALA A 213 -0.65 -2.23 -0.50
C ALA A 213 -1.82 -1.38 0.01
N LEU A 214 -2.01 -0.20 -0.57
CA LEU A 214 -3.02 0.80 -0.11
C LEU A 214 -4.41 0.34 -0.57
N GLU A 215 -5.29 0.07 0.39
CA GLU A 215 -6.71 -0.36 0.13
C GLU A 215 -7.61 0.87 0.18
N ILE A 216 -8.42 1.05 -0.87
CA ILE A 216 -9.26 2.26 -1.11
C ILE A 216 -10.73 1.89 -0.90
N GLY A 217 -11.45 2.69 -0.11
CA GLY A 217 -12.87 2.47 0.27
C GLY A 217 -13.83 3.23 -0.63
N ALA A 218 -15.13 3.05 -0.39
CA ALA A 218 -16.25 3.65 -1.17
C ALA A 218 -16.25 5.17 -0.99
N ASP A 219 -15.91 5.66 0.21
CA ASP A 219 -15.87 7.10 0.57
C ASP A 219 -14.42 7.51 0.84
N LEU A 220 -13.87 8.37 -0.01
CA LEU A 220 -12.47 8.88 0.09
C LEU A 220 -12.38 9.93 1.19
N PRO A 221 -11.27 9.98 1.95
CA PRO A 221 -11.09 10.99 2.99
C PRO A 221 -10.64 12.34 2.41
N SER A 222 -10.30 13.29 3.29
CA SER A 222 -9.76 14.63 2.93
C SER A 222 -8.44 14.45 2.15
N ASN A 223 -8.11 15.40 1.27
CA ASN A 223 -6.91 15.36 0.38
C ASN A 223 -5.65 15.17 1.21
N HIS A 224 -5.57 15.82 2.38
CA HIS A 224 -4.38 15.78 3.29
C HIS A 224 -4.12 14.34 3.73
N VAL A 225 -5.18 13.54 3.91
CA VAL A 225 -5.11 12.09 4.30
C VAL A 225 -4.51 11.29 3.14
N ILE A 226 -4.87 11.62 1.90
CA ILE A 226 -4.35 10.97 0.66
C ILE A 226 -2.91 11.42 0.43
N ASP A 227 -2.63 12.72 0.56
CA ASP A 227 -1.30 13.35 0.33
C ASP A 227 -0.29 12.83 1.36
N ARG A 228 -0.76 12.33 2.51
CA ARG A 228 0.08 11.68 3.56
C ARG A 228 0.88 10.53 2.96
N TRP A 229 0.33 9.85 1.94
CA TRP A 229 0.89 8.63 1.31
C TRP A 229 1.81 8.98 0.12
N LEU A 230 1.97 10.27 -0.19
CA LEU A 230 3.00 10.74 -1.16
C LEU A 230 4.38 10.47 -0.58
N GLY A 231 5.29 9.91 -1.38
CA GLY A 231 6.67 9.60 -0.99
C GLY A 231 6.81 8.22 -0.37
N GLU A 232 5.69 7.53 -0.09
CA GLU A 232 5.65 6.20 0.57
C GLU A 232 5.80 5.11 -0.49
N PRO A 233 6.47 3.98 -0.17
CA PRO A 233 6.72 2.92 -1.15
C PRO A 233 5.47 2.08 -1.45
N ILE A 234 4.54 2.65 -2.22
CA ILE A 234 3.27 2.00 -2.65
C ILE A 234 3.58 1.15 -3.88
N LYS A 235 3.52 -0.19 -3.73
CA LYS A 235 3.75 -1.17 -4.82
C LYS A 235 2.41 -1.67 -5.37
N ALA A 236 1.34 -1.61 -4.56
CA ALA A 236 0.00 -2.11 -4.90
C ALA A 236 -1.09 -1.14 -4.44
N ALA A 237 -2.19 -1.07 -5.19
CA ALA A 237 -3.45 -0.37 -4.85
C ALA A 237 -4.61 -1.36 -4.97
N ILE A 238 -5.28 -1.65 -3.85
CA ILE A 238 -6.39 -2.65 -3.76
C ILE A 238 -7.73 -1.93 -3.97
N LEU A 239 -8.49 -2.36 -4.99
CA LEU A 239 -9.81 -1.78 -5.37
C LEU A 239 -10.90 -2.83 -5.18
N PRO A 240 -11.70 -2.75 -4.09
CA PRO A 240 -12.88 -3.61 -3.94
C PRO A 240 -13.92 -3.34 -5.03
N THR A 241 -14.71 -4.36 -5.38
CA THR A 241 -15.80 -4.30 -6.39
C THR A 241 -16.94 -3.39 -5.87
N SER A 242 -17.03 -3.22 -4.54
CA SER A 242 -18.03 -2.38 -3.84
C SER A 242 -17.98 -0.93 -4.35
N ILE A 243 -16.78 -0.35 -4.44
CA ILE A 243 -16.55 1.11 -4.66
C ILE A 243 -17.00 1.50 -6.08
N PHE A 244 -17.07 0.53 -7.00
CA PHE A 244 -17.45 0.74 -8.42
C PHE A 244 -18.95 1.06 -8.50
N LEU A 245 -19.29 2.18 -9.13
CA LEU A 245 -20.68 2.60 -9.45
C LEU A 245 -21.12 1.87 -10.72
N THR A 246 -22.37 2.07 -11.14
CA THR A 246 -22.98 1.46 -12.36
C THR A 246 -23.50 2.58 -13.27
N ASN A 247 -23.12 2.54 -14.55
CA ASN A 247 -23.58 3.49 -15.60
C ASN A 247 -24.95 3.00 -16.12
N LYS A 248 -25.51 3.70 -17.11
CA LYS A 248 -26.84 3.39 -17.71
C LYS A 248 -26.80 2.00 -18.37
N LYS A 249 -25.66 1.63 -18.96
CA LYS A 249 -25.51 0.37 -19.74
C LYS A 249 -25.36 -0.83 -18.79
N GLY A 250 -24.78 -0.63 -17.60
CA GLY A 250 -24.64 -1.65 -16.55
C GLY A 250 -23.18 -1.97 -16.24
N PHE A 251 -22.24 -1.44 -17.02
CA PHE A 251 -20.77 -1.64 -16.85
C PHE A 251 -20.32 -0.99 -15.54
N PRO A 252 -19.31 -1.57 -14.84
CA PRO A 252 -18.75 -0.95 -13.64
C PRO A 252 -17.90 0.27 -13.99
N VAL A 253 -17.98 1.33 -13.18
CA VAL A 253 -17.23 2.62 -13.36
C VAL A 253 -16.87 3.16 -11.97
N LEU A 254 -16.13 4.27 -11.91
CA LEU A 254 -15.71 4.95 -10.67
C LEU A 254 -16.12 6.44 -10.75
N SER A 255 -16.24 7.09 -9.58
CA SER A 255 -16.54 8.55 -9.45
C SER A 255 -15.34 9.38 -9.93
N LYS A 256 -15.57 10.66 -10.20
CA LYS A 256 -14.53 11.62 -10.68
C LYS A 256 -13.39 11.72 -9.66
N MET A 257 -13.72 11.63 -8.36
CA MET A 257 -12.73 11.70 -7.24
C MET A 257 -11.92 10.39 -7.19
N HIS A 258 -12.55 9.25 -7.47
CA HIS A 258 -11.88 7.92 -7.55
C HIS A 258 -10.98 7.87 -8.79
N GLN A 259 -11.47 8.37 -9.93
CA GLN A 259 -10.69 8.47 -11.20
C GLN A 259 -9.42 9.30 -10.95
N ARG A 260 -9.55 10.43 -10.27
CA ARG A 260 -8.42 11.33 -9.88
C ARG A 260 -7.34 10.51 -9.17
N LEU A 261 -7.72 9.68 -8.21
CA LEU A 261 -6.80 8.86 -7.36
C LEU A 261 -6.11 7.80 -8.22
N ILE A 262 -6.83 7.21 -9.18
CA ILE A 262 -6.30 6.17 -10.11
C ILE A 262 -5.18 6.79 -10.95
N PHE A 263 -5.42 8.00 -11.48
CA PHE A 263 -4.46 8.74 -12.36
C PHE A 263 -3.22 9.16 -11.55
N ARG A 264 -3.37 9.43 -10.25
CA ARG A 264 -2.24 9.72 -9.32
C ARG A 264 -1.40 8.45 -9.12
N LEU A 265 -2.06 7.29 -9.01
CA LEU A 265 -1.41 5.97 -8.76
C LEU A 265 -0.78 5.43 -10.05
N LEU A 266 -1.40 5.70 -11.20
CA LEU A 266 -0.87 5.31 -12.54
C LEU A 266 0.45 6.04 -12.82
N LYS A 267 0.60 7.27 -12.31
CA LYS A 267 1.87 8.05 -12.40
C LYS A 267 2.95 7.39 -11.52
N LEU A 268 2.58 7.00 -10.30
CA LEU A 268 3.47 6.28 -9.34
C LEU A 268 3.81 4.89 -9.88
N GLU A 269 3.06 4.42 -10.88
CA GLU A 269 3.30 3.14 -11.61
C GLU A 269 3.19 1.97 -10.62
N VAL A 270 2.05 1.91 -9.92
CA VAL A 270 1.73 0.84 -8.94
C VAL A 270 0.95 -0.28 -9.66
N GLN A 271 0.93 -1.48 -9.09
CA GLN A 271 0.10 -2.62 -9.56
C GLN A 271 -1.28 -2.51 -8.89
N PHE A 272 -2.35 -2.79 -9.65
CA PHE A 272 -3.75 -2.67 -9.18
C PHE A 272 -4.31 -4.07 -8.88
N ILE A 273 -4.82 -4.27 -7.67
CA ILE A 273 -5.40 -5.55 -7.19
C ILE A 273 -6.92 -5.38 -7.08
N ILE A 274 -7.69 -6.19 -7.82
CA ILE A 274 -9.17 -6.26 -7.74
C ILE A 274 -9.54 -7.31 -6.69
N THR A 275 -10.36 -6.92 -5.70
CA THR A 275 -10.83 -7.79 -4.57
C THR A 275 -12.36 -7.74 -4.52
N GLY A 276 -12.98 -8.72 -3.87
CA GLY A 276 -14.45 -8.86 -3.76
C GLY A 276 -15.05 -9.65 -4.90
N THR A 277 -16.35 -9.96 -4.81
CA THR A 277 -17.11 -10.78 -5.80
C THR A 277 -17.69 -9.87 -6.89
N ASN A 278 -18.27 -10.48 -7.93
CA ASN A 278 -18.95 -9.79 -9.06
C ASN A 278 -20.37 -9.41 -8.63
N HIS A 279 -20.62 -8.10 -8.44
CA HIS A 279 -21.96 -7.53 -8.12
C HIS A 279 -22.69 -7.16 -9.41
N HIS A 280 -21.94 -6.76 -10.44
CA HIS A 280 -22.44 -6.52 -11.82
C HIS A 280 -22.57 -7.86 -12.54
N SER A 281 -23.57 -8.66 -12.14
CA SER A 281 -23.79 -10.07 -12.56
C SER A 281 -24.07 -10.14 -14.07
N GLU A 282 -24.82 -9.18 -14.61
CA GLU A 282 -25.26 -9.12 -16.04
C GLU A 282 -24.03 -9.23 -16.96
N LYS A 283 -22.96 -8.47 -16.66
CA LYS A 283 -21.72 -8.40 -17.47
C LYS A 283 -20.66 -9.33 -16.89
N GLU A 284 -19.64 -9.67 -17.70
CA GLU A 284 -18.48 -10.51 -17.29
C GLU A 284 -17.67 -9.76 -16.22
N PHE A 285 -16.86 -10.50 -15.44
CA PHE A 285 -16.07 -9.95 -14.32
C PHE A 285 -14.88 -9.12 -14.84
N CYS A 286 -14.35 -9.48 -16.01
CA CYS A 286 -13.21 -8.79 -16.68
C CYS A 286 -13.55 -7.30 -16.88
N SER A 287 -14.84 -6.95 -16.95
CA SER A 287 -15.37 -5.57 -17.07
C SER A 287 -14.70 -4.63 -16.07
N TYR A 288 -14.58 -5.06 -14.80
CA TYR A 288 -13.90 -4.31 -13.71
C TYR A 288 -12.50 -3.91 -14.15
N LEU A 289 -11.73 -4.87 -14.68
CA LEU A 289 -10.33 -4.68 -15.14
C LEU A 289 -10.33 -3.84 -16.43
N GLN A 290 -11.22 -4.15 -17.38
CA GLN A 290 -11.32 -3.46 -18.70
C GLN A 290 -11.52 -1.95 -18.49
N TYR A 291 -12.16 -1.54 -17.39
CA TYR A 291 -12.38 -0.12 -17.03
C TYR A 291 -11.04 0.54 -16.65
N LEU A 292 -10.27 -0.11 -15.78
CA LEU A 292 -8.90 0.36 -15.37
C LEU A 292 -8.04 0.56 -16.62
N GLU A 293 -8.06 -0.41 -17.54
CA GLU A 293 -7.31 -0.39 -18.82
C GLU A 293 -7.72 0.85 -19.61
N TYR A 294 -9.04 1.08 -19.74
CA TYR A 294 -9.65 2.24 -20.45
C TYR A 294 -9.11 3.55 -19.89
N LEU A 295 -9.06 3.68 -18.56
CA LEU A 295 -8.55 4.88 -17.85
C LEU A 295 -7.08 5.13 -18.23
N SER A 296 -6.22 4.12 -18.08
CA SER A 296 -4.75 4.20 -18.33
C SER A 296 -4.49 4.44 -19.83
N GLN A 297 -5.20 3.74 -20.72
CA GLN A 297 -5.02 3.80 -22.19
C GLN A 297 -5.45 5.18 -22.71
N ASN A 298 -6.58 5.70 -22.22
CA ASN A 298 -7.07 7.07 -22.53
C ASN A 298 -6.38 8.06 -21.59
N ARG A 299 -5.10 8.31 -21.85
CA ARG A 299 -4.19 9.21 -21.09
C ARG A 299 -3.21 9.81 -22.10
N PRO A 300 -2.73 11.06 -21.94
CA PRO A 300 -1.80 11.64 -22.92
C PRO A 300 -0.50 10.84 -22.99
N PRO A 301 -0.14 10.26 -24.16
CA PRO A 301 1.13 9.54 -24.31
C PRO A 301 2.33 10.39 -23.88
N PRO A 302 3.47 9.76 -23.53
CA PRO A 302 4.62 10.50 -22.98
C PRO A 302 5.27 11.43 -24.02
N ASN A 303 5.48 10.93 -25.25
CA ASN A 303 6.10 11.68 -26.38
C ASN A 303 7.45 12.24 -25.93
N ALA A 304 7.62 13.57 -25.97
CA ALA A 304 8.88 14.29 -25.67
C ALA A 304 9.14 14.26 -24.16
N TYR A 305 10.41 14.32 -23.75
CA TYR A 305 10.85 14.45 -22.33
C TYR A 305 10.39 13.23 -21.53
N GLU A 306 9.06 13.13 -21.36
CA GLU A 306 8.36 12.30 -20.35
C GLU A 306 8.90 10.87 -20.36
N LEU A 307 9.15 10.29 -21.54
CA LEU A 307 9.61 8.88 -21.68
C LEU A 307 11.08 8.77 -21.26
N PHE A 308 11.95 9.68 -21.74
CA PHE A 308 13.38 9.74 -21.36
C PHE A 308 13.53 9.87 -19.85
N ALA A 309 12.71 10.75 -19.24
CA ALA A 309 12.70 11.04 -17.78
C ALA A 309 12.12 9.86 -17.01
N LYS A 310 11.15 9.14 -17.60
CA LYS A 310 10.40 8.02 -16.94
C LYS A 310 11.39 6.94 -16.46
N GLY A 311 12.40 6.63 -17.27
CA GLY A 311 13.44 5.63 -16.96
C GLY A 311 14.32 6.06 -15.79
N TYR A 312 14.50 7.37 -15.59
CA TYR A 312 15.40 7.98 -14.57
C TYR A 312 14.66 8.29 -13.27
N GLU A 313 13.35 7.99 -13.20
CA GLU A 313 12.48 8.34 -12.05
C GLU A 313 13.10 7.79 -10.75
N ASP A 314 13.44 8.70 -9.83
CA ASP A 314 14.02 8.39 -8.48
C ASP A 314 15.31 7.58 -8.62
N TYR A 315 16.10 7.82 -9.67
CA TYR A 315 17.42 7.18 -9.90
C TYR A 315 18.52 8.12 -9.38
N LEU A 316 19.20 7.73 -8.31
CA LEU A 316 20.27 8.52 -7.65
C LEU A 316 21.54 8.46 -8.50
N GLN A 317 22.05 9.62 -8.93
CA GLN A 317 23.36 9.78 -9.61
C GLN A 317 24.19 10.82 -8.86
N SER A 318 25.51 10.64 -8.82
CA SER A 318 26.50 11.64 -8.33
C SER A 318 26.47 12.84 -9.27
N PRO A 319 26.47 14.09 -8.76
CA PRO A 319 26.50 15.27 -9.62
C PRO A 319 27.80 15.31 -10.45
N LEU A 320 27.69 15.59 -11.75
CA LEU A 320 28.85 15.76 -12.66
C LEU A 320 29.70 16.92 -12.16
N GLN A 321 31.03 16.83 -12.33
CA GLN A 321 32.00 17.90 -12.05
C GLN A 321 32.80 18.17 -13.31
N PRO A 322 32.25 18.93 -14.28
CA PRO A 322 32.90 19.15 -15.57
C PRO A 322 34.25 19.88 -15.49
N LEU A 323 34.53 20.55 -14.37
CA LEU A 323 35.82 21.25 -14.10
C LEU A 323 36.89 20.21 -13.71
N MET A 324 36.64 19.47 -12.62
CA MET A 324 37.58 18.47 -12.04
C MET A 324 37.75 17.29 -13.01
N ASP A 325 36.65 16.82 -13.59
CA ASP A 325 36.61 15.63 -14.49
C ASP A 325 36.36 16.08 -15.94
N ASN A 326 36.91 15.35 -16.90
CA ASN A 326 36.60 15.51 -18.35
C ASN A 326 35.39 14.66 -18.69
N LEU A 327 34.31 15.29 -19.17
CA LEU A 327 33.02 14.61 -19.47
C LEU A 327 33.20 13.71 -20.69
N GLU A 328 32.53 12.55 -20.68
CA GLU A 328 32.52 11.57 -21.80
C GLU A 328 31.72 12.14 -22.97
N SER A 329 31.95 11.61 -24.17
CA SER A 329 31.35 12.08 -25.44
C SER A 329 29.82 11.99 -25.38
N GLN A 330 29.28 10.93 -24.78
CA GLN A 330 27.81 10.66 -24.71
C GLN A 330 27.13 11.58 -23.68
N THR A 331 27.88 12.11 -22.71
CA THR A 331 27.38 13.08 -21.71
C THR A 331 27.12 14.43 -22.39
N TYR A 332 28.03 14.84 -23.29
CA TYR A 332 27.87 16.06 -24.13
C TYR A 332 26.70 15.89 -25.09
N GLU A 333 26.49 14.66 -25.58
CA GLU A 333 25.42 14.31 -26.57
C GLU A 333 24.05 14.64 -25.98
N VAL A 334 23.80 14.29 -24.71
CA VAL A 334 22.48 14.53 -24.04
C VAL A 334 22.34 16.03 -23.73
N PHE A 335 23.43 16.71 -23.36
CA PHE A 335 23.50 18.18 -23.19
C PHE A 335 23.07 18.87 -24.49
N GLU A 336 23.52 18.34 -25.63
CA GLU A 336 23.32 18.91 -26.99
C GLU A 336 21.89 18.65 -27.49
N LYS A 337 21.24 17.58 -26.99
CA LYS A 337 19.88 17.17 -27.42
C LYS A 337 18.84 17.90 -26.54
N ASP A 338 18.84 19.23 -26.61
CA ASP A 338 17.92 20.12 -25.84
C ASP A 338 17.70 21.39 -26.67
N PRO A 339 16.82 21.35 -27.70
CA PRO A 339 16.69 22.47 -28.64
C PRO A 339 16.19 23.77 -27.98
N ILE A 340 15.24 23.67 -27.03
CA ILE A 340 14.65 24.81 -26.28
C ILE A 340 15.78 25.59 -25.60
N LYS A 341 16.67 24.89 -24.90
CA LYS A 341 17.81 25.48 -24.14
C LYS A 341 18.69 26.33 -25.06
N TYR A 342 19.04 25.82 -26.24
CA TYR A 342 19.97 26.48 -27.20
C TYR A 342 19.21 27.54 -28.03
N SER A 343 17.90 27.36 -28.21
CA SER A 343 16.98 28.38 -28.77
C SER A 343 17.05 29.65 -27.91
N GLN A 344 17.05 29.48 -26.58
CA GLN A 344 17.09 30.60 -25.58
C GLN A 344 18.46 31.28 -25.65
N TYR A 345 19.55 30.51 -25.55
CA TYR A 345 20.95 31.00 -25.64
C TYR A 345 21.11 31.82 -26.93
N GLN A 346 20.58 31.33 -28.05
CA GLN A 346 20.60 32.02 -29.37
C GLN A 346 19.87 33.36 -29.26
N GLN A 347 18.69 33.36 -28.64
CA GLN A 347 17.81 34.57 -28.50
C GLN A 347 18.50 35.59 -27.58
N ALA A 348 19.10 35.14 -26.48
CA ALA A 348 19.86 35.97 -25.52
C ALA A 348 20.99 36.71 -26.24
N ILE A 349 21.77 35.99 -27.05
CA ILE A 349 22.91 36.53 -27.84
C ILE A 349 22.37 37.47 -28.93
N TYR A 350 21.32 37.03 -29.64
CA TYR A 350 20.63 37.79 -30.72
C TYR A 350 20.24 39.18 -30.20
N LYS A 351 19.61 39.24 -29.02
CA LYS A 351 19.15 40.50 -28.38
C LYS A 351 20.36 41.37 -28.03
N CYS A 352 21.40 40.77 -27.43
CA CYS A 352 22.61 41.47 -26.91
C CYS A 352 23.34 42.19 -28.05
N LEU A 353 23.49 41.53 -29.20
CA LEU A 353 24.22 42.05 -30.39
C LEU A 353 23.52 43.32 -30.91
N LEU A 354 22.19 43.34 -30.93
CA LEU A 354 21.38 44.49 -31.41
C LEU A 354 21.52 45.68 -30.45
N ASP A 355 21.71 45.41 -29.14
CA ASP A 355 21.86 46.45 -28.09
C ASP A 355 23.26 47.07 -28.16
N ARG A 356 24.30 46.27 -28.40
CA ARG A 356 25.73 46.68 -28.35
C ARG A 356 26.14 47.39 -29.66
N VAL A 357 25.61 46.93 -30.80
CA VAL A 357 25.98 47.45 -32.15
C VAL A 357 24.77 48.15 -32.77
N PRO A 358 24.76 49.50 -32.86
CA PRO A 358 23.77 50.22 -33.65
C PRO A 358 23.75 49.79 -35.13
N GLU A 359 22.60 49.98 -35.79
CA GLU A 359 22.33 49.53 -37.18
C GLU A 359 23.42 50.05 -38.14
N GLU A 360 23.80 51.32 -38.02
CA GLU A 360 24.78 52.00 -38.92
C GLU A 360 26.19 51.44 -38.71
N GLU A 361 26.46 50.81 -37.57
CA GLU A 361 27.80 50.28 -37.19
C GLU A 361 27.89 48.78 -37.51
N LYS A 362 26.90 48.19 -38.20
CA LYS A 362 26.76 46.72 -38.39
C LYS A 362 27.96 46.17 -39.16
N ASP A 363 28.47 46.92 -40.15
CA ASP A 363 29.57 46.50 -41.05
C ASP A 363 30.94 46.89 -40.44
N THR A 364 30.98 48.01 -39.71
CA THR A 364 32.21 48.55 -39.07
C THR A 364 32.53 47.76 -37.80
N ASN A 365 31.55 47.63 -36.89
CA ASN A 365 31.72 47.05 -35.54
C ASN A 365 31.55 45.52 -35.60
N VAL A 366 32.61 44.79 -35.24
CA VAL A 366 32.65 43.31 -35.16
C VAL A 366 32.93 42.91 -33.70
N GLN A 367 31.98 42.22 -33.07
CA GLN A 367 31.96 41.93 -31.61
C GLN A 367 32.83 40.70 -31.31
N VAL A 368 33.70 40.80 -30.29
CA VAL A 368 34.54 39.68 -29.79
C VAL A 368 33.68 38.83 -28.84
N LEU A 369 33.39 37.59 -29.23
CA LEU A 369 32.44 36.67 -28.54
C LEU A 369 33.18 35.39 -28.14
N MET A 370 33.28 35.12 -26.83
CA MET A 370 34.08 34.00 -26.26
C MET A 370 33.17 33.00 -25.56
N VAL A 371 33.08 31.77 -26.09
CA VAL A 371 32.33 30.63 -25.47
C VAL A 371 33.27 29.95 -24.47
N LEU A 372 33.02 30.13 -23.17
CA LEU A 372 33.86 29.62 -22.05
C LEU A 372 33.27 28.30 -21.53
N GLY A 373 33.81 27.17 -21.97
CA GLY A 373 33.24 25.83 -21.78
C GLY A 373 32.40 25.41 -22.98
N ALA A 374 33.03 25.32 -24.14
CA ALA A 374 32.39 25.17 -25.48
C ALA A 374 31.96 23.72 -25.73
N GLY A 375 32.54 22.76 -25.00
CA GLY A 375 32.28 21.31 -25.21
C GLY A 375 32.53 20.91 -26.65
N ARG A 376 31.49 20.47 -27.36
CA ARG A 376 31.53 20.08 -28.80
C ARG A 376 30.92 21.19 -29.65
N GLY A 377 30.69 22.37 -29.05
CA GLY A 377 30.38 23.64 -29.74
C GLY A 377 28.90 23.81 -30.14
N PRO A 378 27.92 23.49 -29.28
CA PRO A 378 26.53 23.85 -29.55
C PRO A 378 26.27 25.35 -29.34
N LEU A 379 26.91 25.95 -28.33
CA LEU A 379 26.87 27.42 -28.06
C LEU A 379 27.61 28.18 -29.18
N VAL A 380 28.63 27.56 -29.77
CA VAL A 380 29.40 28.13 -30.92
C VAL A 380 28.45 28.26 -32.12
N ASN A 381 27.66 27.22 -32.39
CA ASN A 381 26.66 27.18 -33.50
C ASN A 381 25.52 28.16 -33.19
N ALA A 382 25.07 28.20 -31.93
CA ALA A 382 24.03 29.13 -31.44
C ALA A 382 24.47 30.59 -31.68
N SER A 383 25.76 30.87 -31.49
CA SER A 383 26.38 32.22 -31.65
C SER A 383 26.36 32.64 -33.13
N LEU A 384 26.65 31.70 -34.05
CA LEU A 384 26.71 31.96 -35.51
C LEU A 384 25.30 32.21 -36.05
N ARG A 385 24.32 31.39 -35.64
CA ARG A 385 22.89 31.53 -36.01
C ARG A 385 22.37 32.89 -35.54
N ALA A 386 22.68 33.28 -34.29
CA ALA A 386 22.26 34.53 -33.63
C ALA A 386 22.81 35.74 -34.41
N ALA A 387 24.06 35.64 -34.88
CA ALA A 387 24.81 36.72 -35.57
C ALA A 387 24.14 37.06 -36.91
N LYS A 388 23.93 36.06 -37.76
CA LYS A 388 23.36 36.24 -39.13
C LYS A 388 21.84 36.50 -39.04
N GLN A 389 21.20 36.06 -37.95
CA GLN A 389 19.79 36.41 -37.61
C GLN A 389 19.72 37.90 -37.29
N ALA A 390 20.63 38.39 -36.43
CA ALA A 390 20.72 39.80 -35.97
C ALA A 390 21.35 40.68 -37.06
N ASP A 391 22.04 40.08 -38.03
CA ASP A 391 22.74 40.77 -39.15
C ASP A 391 23.86 41.64 -38.56
N ARG A 392 24.75 41.02 -37.77
CA ARG A 392 25.91 41.68 -37.09
C ARG A 392 27.15 40.79 -37.22
N ARG A 393 28.33 41.39 -37.32
CA ARG A 393 29.65 40.70 -37.39
C ARG A 393 30.05 40.21 -35.99
N ILE A 394 30.60 39.00 -35.89
CA ILE A 394 31.17 38.44 -34.63
C ILE A 394 32.49 37.72 -34.94
N LYS A 395 33.44 37.81 -34.00
CA LYS A 395 34.70 37.02 -33.98
C LYS A 395 34.63 36.06 -32.80
N LEU A 396 34.62 34.74 -33.06
CA LEU A 396 34.33 33.69 -32.06
C LEU A 396 35.62 33.06 -31.53
N TYR A 397 35.72 32.95 -30.20
CA TYR A 397 36.69 32.08 -29.48
C TYR A 397 35.91 30.95 -28.81
N ALA A 398 36.40 29.70 -28.93
CA ALA A 398 35.81 28.49 -28.31
C ALA A 398 36.80 27.93 -27.28
N VAL A 399 36.71 28.41 -26.03
CA VAL A 399 37.61 28.02 -24.90
C VAL A 399 37.04 26.75 -24.27
N GLU A 400 37.82 25.67 -24.25
CA GLU A 400 37.44 24.35 -23.66
C GLU A 400 38.71 23.66 -23.11
N LYS A 401 38.70 23.33 -21.82
CA LYS A 401 39.86 22.71 -21.11
C LYS A 401 39.87 21.19 -21.34
N ASN A 402 38.71 20.60 -21.67
CA ASN A 402 38.56 19.15 -21.97
C ASN A 402 39.18 18.86 -23.34
N PRO A 403 40.39 18.27 -23.40
CA PRO A 403 41.11 18.13 -24.68
C PRO A 403 40.52 17.09 -25.62
N ASN A 404 39.67 16.20 -25.10
CA ASN A 404 38.92 15.17 -25.88
C ASN A 404 37.80 15.87 -26.68
N ALA A 405 37.11 16.82 -26.04
CA ALA A 405 36.06 17.66 -26.65
C ALA A 405 36.68 18.62 -27.67
N VAL A 406 37.90 19.11 -27.39
CA VAL A 406 38.70 20.01 -28.31
C VAL A 406 38.91 19.31 -29.65
N VAL A 407 39.01 17.97 -29.66
CA VAL A 407 39.12 17.15 -30.90
C VAL A 407 37.88 17.42 -31.77
N THR A 408 36.69 17.42 -31.16
CA THR A 408 35.39 17.65 -31.83
C THR A 408 35.33 19.08 -32.38
N LEU A 409 35.78 20.06 -31.60
CA LEU A 409 35.77 21.52 -31.94
C LEU A 409 36.68 21.77 -33.15
N GLU A 410 37.90 21.23 -33.14
CA GLU A 410 38.97 21.51 -34.14
C GLU A 410 38.63 20.82 -35.47
N ASN A 411 37.93 19.68 -35.42
CA ASN A 411 37.40 18.99 -36.63
C ASN A 411 36.24 19.82 -37.20
N TRP A 412 35.36 20.34 -36.34
CA TRP A 412 34.31 21.34 -36.68
C TRP A 412 34.97 22.55 -37.34
N GLN A 413 36.00 23.10 -36.71
CA GLN A 413 36.69 24.37 -37.10
C GLN A 413 37.28 24.24 -38.51
N PHE A 414 37.97 23.13 -38.78
CA PHE A 414 38.66 22.86 -40.07
C PHE A 414 37.64 22.61 -41.19
N GLU A 415 36.56 21.88 -40.89
CA GLU A 415 35.60 21.35 -41.89
C GLU A 415 34.52 22.40 -42.21
N GLU A 416 33.94 23.05 -41.19
CA GLU A 416 32.71 23.89 -41.35
C GLU A 416 32.97 25.35 -41.00
N TRP A 417 33.36 25.65 -39.75
CA TRP A 417 33.45 27.04 -39.21
C TRP A 417 34.48 27.85 -40.00
N GLY A 418 35.75 27.45 -39.93
CA GLY A 418 36.88 28.16 -40.55
C GLY A 418 37.51 29.15 -39.59
N SER A 419 38.21 30.16 -40.13
CA SER A 419 39.01 31.18 -39.39
C SER A 419 38.13 31.96 -38.42
N GLN A 420 36.85 32.17 -38.75
CA GLN A 420 35.86 32.94 -37.93
C GLN A 420 35.93 32.47 -36.47
N VAL A 421 35.96 31.14 -36.25
CA VAL A 421 36.04 30.51 -34.90
C VAL A 421 37.51 30.18 -34.60
N THR A 422 37.99 30.61 -33.42
CA THR A 422 39.35 30.32 -32.88
C THR A 422 39.20 29.40 -31.66
N VAL A 423 39.57 28.13 -31.80
CA VAL A 423 39.47 27.10 -30.72
C VAL A 423 40.70 27.23 -29.81
N VAL A 424 40.47 27.43 -28.51
CA VAL A 424 41.51 27.55 -27.45
C VAL A 424 41.35 26.36 -26.50
N SER A 425 42.41 25.55 -26.36
CA SER A 425 42.46 24.35 -25.50
C SER A 425 43.17 24.69 -24.19
N SER A 426 42.46 25.29 -23.23
CA SER A 426 43.00 25.67 -21.90
C SER A 426 41.87 25.96 -20.91
N ASP A 427 42.24 26.13 -19.64
CA ASP A 427 41.35 26.58 -18.54
C ASP A 427 41.15 28.09 -18.70
N MET A 428 39.91 28.57 -18.53
CA MET A 428 39.53 29.99 -18.77
C MET A 428 40.13 30.89 -17.67
N ARG A 429 40.51 30.33 -16.52
CA ARG A 429 41.17 31.09 -15.41
C ARG A 429 42.67 31.24 -15.69
N GLU A 430 43.23 30.39 -16.55
CA GLU A 430 44.68 30.36 -16.90
C GLU A 430 44.93 31.14 -18.19
N TRP A 431 44.07 30.96 -19.20
CA TRP A 431 44.22 31.48 -20.59
C TRP A 431 44.55 32.97 -20.58
N VAL A 432 45.65 33.34 -21.25
CA VAL A 432 46.03 34.75 -21.56
C VAL A 432 45.45 35.10 -22.93
N ALA A 433 44.37 35.89 -22.96
CA ALA A 433 43.62 36.24 -24.20
C ALA A 433 44.40 37.29 -24.98
N PRO A 434 44.39 37.22 -26.33
CA PRO A 434 45.08 38.21 -27.17
C PRO A 434 44.34 39.56 -27.20
N GLU A 435 43.01 39.53 -27.12
CA GLU A 435 42.11 40.71 -27.06
C GLU A 435 41.02 40.45 -26.02
N LYS A 436 40.28 41.48 -25.62
CA LYS A 436 39.22 41.41 -24.58
C LYS A 436 37.88 41.12 -25.26
N ALA A 437 36.90 40.62 -24.49
CA ALA A 437 35.60 40.10 -24.97
C ALA A 437 34.48 41.12 -24.70
N ASP A 438 33.61 41.32 -25.70
CA ASP A 438 32.37 42.13 -25.58
C ASP A 438 31.31 41.30 -24.86
N ILE A 439 31.18 40.03 -25.23
CA ILE A 439 30.21 39.05 -24.64
C ILE A 439 30.97 37.75 -24.31
N ILE A 440 30.75 37.20 -23.12
CA ILE A 440 31.18 35.82 -22.72
C ILE A 440 29.92 34.97 -22.53
N VAL A 441 29.90 33.79 -23.16
CA VAL A 441 28.75 32.83 -23.13
C VAL A 441 29.24 31.55 -22.44
N SER A 442 28.58 31.14 -21.36
CA SER A 442 28.96 29.95 -20.54
C SER A 442 27.73 29.07 -20.27
N GLU A 443 27.99 27.81 -19.92
CA GLU A 443 27.00 26.71 -19.71
C GLU A 443 27.40 25.94 -18.45
N LEU A 444 28.11 26.60 -17.53
CA LEU A 444 28.87 25.97 -16.42
C LEU A 444 27.96 25.74 -15.21
N LEU A 445 26.64 25.72 -15.41
CA LEU A 445 25.63 25.60 -14.32
C LEU A 445 25.29 24.14 -14.08
N GLY A 446 25.23 23.72 -12.81
CA GLY A 446 24.67 22.43 -12.38
C GLY A 446 23.20 22.58 -11.99
N SER A 447 22.62 21.52 -11.43
CA SER A 447 21.20 21.44 -11.00
C SER A 447 20.94 22.42 -9.84
N PHE A 448 21.98 22.77 -9.09
CA PHE A 448 21.94 23.73 -7.95
C PHE A 448 22.65 25.03 -8.34
N ALA A 449 22.61 25.37 -9.63
CA ALA A 449 23.20 26.60 -10.23
C ALA A 449 24.73 26.57 -10.14
N ASP A 450 25.28 26.76 -8.93
CA ASP A 450 26.71 27.11 -8.70
C ASP A 450 27.52 25.86 -8.29
N ASN A 451 26.94 24.66 -8.37
CA ASN A 451 27.53 23.41 -7.82
C ASN A 451 28.56 22.82 -8.79
N GLU A 452 28.78 23.43 -9.96
CA GLU A 452 29.88 23.09 -10.90
C GLU A 452 30.93 24.21 -10.89
N LEU A 453 30.79 25.18 -9.98
CA LEU A 453 31.74 26.29 -9.72
C LEU A 453 31.82 27.24 -10.92
N SER A 454 30.66 27.57 -11.50
CA SER A 454 30.52 28.65 -12.52
C SER A 454 31.07 29.96 -11.95
N PRO A 455 30.74 30.37 -10.70
CA PRO A 455 31.25 31.61 -10.13
C PRO A 455 32.78 31.76 -10.20
N GLU A 456 33.51 30.75 -9.72
CA GLU A 456 35.00 30.75 -9.61
C GLU A 456 35.61 30.81 -11.02
N CYS A 457 35.02 30.08 -11.97
CA CYS A 457 35.47 29.99 -13.39
C CYS A 457 35.30 31.36 -14.07
N LEU A 458 34.10 31.93 -14.04
CA LEU A 458 33.79 33.24 -14.70
C LEU A 458 34.56 34.36 -14.00
N ASP A 459 34.75 34.28 -12.67
CA ASP A 459 35.60 35.21 -11.88
C ASP A 459 37.01 35.25 -12.48
N GLY A 460 37.59 34.07 -12.75
CA GLY A 460 38.95 33.90 -13.31
C GLY A 460 39.05 34.37 -14.74
N ALA A 461 37.93 34.34 -15.48
CA ALA A 461 37.83 34.73 -16.91
C ALA A 461 37.46 36.21 -17.04
N GLN A 462 37.16 36.89 -15.93
CA GLN A 462 36.56 38.25 -15.89
C GLN A 462 37.57 39.31 -16.35
N HIS A 463 38.88 39.03 -16.23
CA HIS A 463 39.97 40.00 -16.52
C HIS A 463 40.03 40.31 -18.02
N PHE A 464 39.68 39.34 -18.89
CA PHE A 464 39.70 39.51 -20.37
C PHE A 464 38.29 39.84 -20.89
N LEU A 465 37.36 40.19 -19.99
CA LEU A 465 36.04 40.81 -20.35
C LEU A 465 36.23 42.32 -20.41
N LYS A 466 35.65 42.96 -21.44
CA LYS A 466 35.75 44.43 -21.69
C LYS A 466 35.04 45.18 -20.56
N ASP A 467 35.49 46.41 -20.26
CA ASP A 467 34.99 47.26 -19.14
C ASP A 467 33.46 47.25 -19.11
N ASP A 468 32.82 47.32 -20.28
CA ASP A 468 31.33 47.34 -20.46
C ASP A 468 30.85 46.01 -21.04
N GLY A 469 31.55 44.91 -20.73
CA GLY A 469 31.28 43.57 -21.28
C GLY A 469 30.06 42.92 -20.64
N VAL A 470 29.43 41.98 -21.34
CA VAL A 470 28.21 41.25 -20.90
C VAL A 470 28.57 39.78 -20.68
N SER A 471 28.06 39.18 -19.59
CA SER A 471 28.14 37.72 -19.31
C SER A 471 26.76 37.09 -19.56
N ILE A 472 26.72 35.99 -20.34
CA ILE A 472 25.51 35.16 -20.60
C ILE A 472 25.78 33.77 -20.05
N PRO A 473 25.22 33.38 -18.89
CA PRO A 473 24.26 34.19 -18.14
C PRO A 473 24.89 35.32 -17.32
N GLY A 474 24.11 36.36 -17.01
CA GLY A 474 24.50 37.49 -16.16
C GLY A 474 24.13 37.28 -14.70
N GLU A 475 23.19 36.36 -14.44
CA GLU A 475 22.70 36.03 -13.08
C GLU A 475 22.19 34.58 -13.05
N TYR A 476 22.37 33.89 -11.93
CA TYR A 476 21.69 32.61 -11.61
C TYR A 476 21.44 32.51 -10.10
N THR A 477 20.33 31.89 -9.73
CA THR A 477 19.85 31.71 -8.33
C THR A 477 19.47 30.24 -8.11
N SER A 478 19.95 29.65 -7.01
CA SER A 478 19.58 28.29 -6.54
C SER A 478 18.30 28.39 -5.70
N PHE A 479 17.48 27.33 -5.70
CA PHE A 479 16.22 27.21 -4.93
C PHE A 479 16.21 25.90 -4.14
N LEU A 480 15.70 25.94 -2.91
CA LEU A 480 15.54 24.76 -2.01
C LEU A 480 14.06 24.62 -1.64
N ALA A 481 13.57 23.39 -1.53
CA ALA A 481 12.24 23.04 -1.00
C ALA A 481 12.36 21.77 -0.16
N PRO A 482 11.84 21.75 1.09
CA PRO A 482 11.85 20.54 1.91
C PRO A 482 10.93 19.50 1.28
N ILE A 483 11.31 18.22 1.30
CA ILE A 483 10.51 17.12 0.71
C ILE A 483 10.39 15.97 1.72
N SER A 484 9.32 15.19 1.59
CA SER A 484 9.10 13.88 2.24
C SER A 484 9.15 12.79 1.17
N SER A 485 10.07 11.83 1.32
CA SER A 485 10.14 10.60 0.49
C SER A 485 10.87 9.50 1.28
N SER A 486 10.12 8.62 1.95
CA SER A 486 10.62 7.40 2.62
C SER A 486 11.29 6.51 1.58
N LYS A 487 10.76 6.51 0.34
CA LYS A 487 11.33 5.83 -0.86
C LYS A 487 12.78 6.29 -1.07
N LEU A 488 12.98 7.59 -1.32
CA LEU A 488 14.31 8.17 -1.66
C LEU A 488 15.26 8.10 -0.45
N TYR A 489 14.73 8.30 0.77
CA TYR A 489 15.51 8.16 2.02
C TYR A 489 16.18 6.78 2.06
N ASN A 490 15.44 5.74 1.65
CA ASN A 490 15.86 4.32 1.69
C ASN A 490 16.92 4.07 0.60
N GLU A 491 16.77 4.71 -0.57
CA GLU A 491 17.70 4.60 -1.71
C GLU A 491 19.06 5.21 -1.34
N VAL A 492 19.04 6.37 -0.66
CA VAL A 492 20.28 7.03 -0.14
C VAL A 492 20.92 6.09 0.88
N ARG A 493 20.12 5.54 1.80
CA ARG A 493 20.58 4.65 2.90
C ARG A 493 21.29 3.42 2.30
N ALA A 494 20.84 2.96 1.14
CA ALA A 494 21.37 1.76 0.43
C ALA A 494 22.69 2.08 -0.29
N CYS A 495 23.08 3.35 -0.34
CA CYS A 495 24.35 3.81 -1.01
C CYS A 495 25.52 3.77 -0.02
N ARG A 496 25.40 3.01 1.07
CA ARG A 496 26.51 2.77 2.03
C ARG A 496 27.57 1.91 1.34
N GLU A 497 28.82 2.37 1.35
CA GLU A 497 29.99 1.68 0.74
C GLU A 497 30.99 1.33 1.84
N LYS A 498 31.73 0.23 1.64
CA LYS A 498 32.88 -0.16 2.48
C LYS A 498 34.02 0.86 2.28
N ASP A 499 34.93 0.97 3.26
CA ASP A 499 36.16 1.79 3.19
C ASP A 499 35.82 3.29 3.18
N ARG A 500 34.73 3.68 3.84
CA ARG A 500 34.37 5.10 4.09
C ARG A 500 33.35 5.20 5.23
N ASP A 501 33.13 6.41 5.74
CA ASP A 501 32.13 6.74 6.80
C ASP A 501 30.81 6.06 6.45
N PRO A 502 30.24 5.22 7.37
CA PRO A 502 28.97 4.54 7.11
C PRO A 502 27.78 5.44 6.76
N GLU A 503 27.84 6.73 7.13
CA GLU A 503 26.75 7.72 6.91
C GLU A 503 27.17 8.77 5.86
N ALA A 504 28.24 8.51 5.10
CA ALA A 504 28.78 9.43 4.07
C ALA A 504 27.73 9.73 3.00
N GLN A 505 26.89 8.74 2.67
CA GLN A 505 25.86 8.83 1.59
C GLN A 505 24.83 9.92 1.91
N PHE A 506 24.59 10.24 3.18
CA PHE A 506 23.61 11.25 3.64
C PHE A 506 24.23 12.66 3.59
N GLU A 507 25.56 12.77 3.49
CA GLU A 507 26.32 14.05 3.57
C GLU A 507 26.82 14.46 2.18
N MET A 508 26.12 14.06 1.12
CA MET A 508 26.45 14.44 -0.28
C MET A 508 25.17 14.54 -1.09
N PRO A 509 25.09 15.47 -2.07
CA PRO A 509 23.91 15.62 -2.92
C PRO A 509 23.87 14.59 -4.05
N TYR A 510 22.68 14.35 -4.60
CA TYR A 510 22.44 13.45 -5.77
C TYR A 510 21.60 14.19 -6.80
N VAL A 511 21.92 14.03 -8.08
CA VAL A 511 21.08 14.51 -9.23
C VAL A 511 20.08 13.42 -9.57
N VAL A 512 18.79 13.66 -9.32
CA VAL A 512 17.71 12.63 -9.42
C VAL A 512 16.44 13.28 -9.99
N ARG A 513 15.80 12.62 -10.97
CA ARG A 513 14.44 12.95 -11.45
C ARG A 513 13.46 12.55 -10.34
N LEU A 514 13.25 13.45 -9.37
CA LEU A 514 12.35 13.24 -8.20
C LEU A 514 10.95 12.90 -8.72
N HIS A 515 10.38 11.77 -8.28
CA HIS A 515 9.08 11.24 -8.77
C HIS A 515 8.15 10.94 -7.58
N ASN A 516 8.46 9.89 -6.81
CA ASN A 516 7.68 9.49 -5.60
C ASN A 516 8.20 10.28 -4.40
N PHE A 517 7.69 11.51 -4.23
CA PHE A 517 8.05 12.43 -3.12
C PHE A 517 6.90 13.40 -2.85
N HIS A 518 7.04 14.24 -1.82
CA HIS A 518 6.03 15.22 -1.36
C HIS A 518 6.72 16.54 -1.01
N GLN A 519 6.48 17.58 -1.82
CA GLN A 519 6.95 18.98 -1.55
C GLN A 519 6.18 19.53 -0.36
N LEU A 520 6.88 19.84 0.74
CA LEU A 520 6.30 20.22 2.06
C LEU A 520 6.10 21.73 2.15
N SER A 521 6.75 22.51 1.28
CA SER A 521 6.64 23.98 1.20
C SER A 521 7.16 24.48 -0.15
N ALA A 522 6.71 25.66 -0.58
CA ALA A 522 7.08 26.31 -1.87
C ALA A 522 8.59 26.53 -1.89
N PRO A 523 9.28 26.29 -3.03
CA PRO A 523 10.72 26.55 -3.13
C PRO A 523 11.04 28.03 -2.90
N GLN A 524 12.06 28.31 -2.08
CA GLN A 524 12.59 29.67 -1.79
C GLN A 524 14.00 29.78 -2.33
N PRO A 525 14.47 30.99 -2.70
CA PRO A 525 15.83 31.17 -3.22
C PRO A 525 16.89 30.93 -2.14
N CYS A 526 18.00 30.30 -2.52
CA CYS A 526 19.12 29.92 -1.61
C CYS A 526 20.34 30.84 -1.88
N PHE A 527 21.06 30.63 -2.97
CA PHE A 527 22.28 31.40 -3.33
C PHE A 527 22.12 32.02 -4.73
N THR A 528 22.50 33.30 -4.86
CA THR A 528 22.48 34.07 -6.13
C THR A 528 23.93 34.52 -6.44
N PHE A 529 24.29 34.52 -7.72
CA PHE A 529 25.59 35.03 -8.24
C PHE A 529 25.34 35.89 -9.48
N SER A 530 26.02 37.04 -9.57
CA SER A 530 25.97 37.99 -10.71
C SER A 530 27.30 37.98 -11.46
N HIS A 531 27.26 38.22 -12.78
CA HIS A 531 28.45 38.29 -13.67
C HIS A 531 28.25 39.40 -14.70
N PRO A 532 29.22 40.32 -14.88
CA PRO A 532 30.46 40.35 -14.10
C PRO A 532 30.25 40.78 -12.64
N ASN A 533 31.13 40.30 -11.74
CA ASN A 533 31.14 40.63 -10.29
C ASN A 533 32.26 41.64 -10.04
N ARG A 534 31.95 42.94 -10.20
CA ARG A 534 32.93 44.06 -10.17
C ARG A 534 33.29 44.45 -8.73
N ASP A 535 32.61 43.86 -7.74
CA ASP A 535 32.88 44.03 -6.29
C ASP A 535 34.38 43.89 -6.04
N PRO A 536 35.04 44.85 -5.34
CA PRO A 536 36.45 44.72 -4.99
C PRO A 536 36.77 43.48 -4.15
N MET A 537 35.97 43.22 -3.11
CA MET A 537 36.14 42.10 -2.14
C MET A 537 35.25 40.92 -2.57
N ILE A 538 35.67 40.15 -3.57
CA ILE A 538 34.90 39.00 -4.13
C ILE A 538 35.01 37.81 -3.16
N ASP A 539 33.89 37.44 -2.53
CA ASP A 539 33.76 36.24 -1.65
C ASP A 539 32.54 35.44 -2.12
N ASN A 540 32.77 34.25 -2.69
CA ASN A 540 31.72 33.36 -3.27
C ASN A 540 31.17 32.43 -2.18
N ASN A 541 31.69 32.49 -0.96
CA ASN A 541 31.12 31.78 0.22
C ASN A 541 29.77 32.39 0.55
N ARG A 542 28.84 31.57 1.08
CA ARG A 542 27.45 31.99 1.41
C ARG A 542 26.99 31.30 2.69
N TYR A 543 26.11 31.97 3.44
CA TYR A 543 25.36 31.42 4.61
C TYR A 543 23.93 31.95 4.54
N CYS A 544 22.96 31.05 4.33
CA CYS A 544 21.53 31.35 4.07
C CYS A 544 20.65 30.57 5.04
N THR A 545 19.75 31.27 5.75
CA THR A 545 18.71 30.69 6.65
C THR A 545 17.35 30.82 5.97
N LEU A 546 16.64 29.71 5.77
CA LEU A 546 15.32 29.66 5.10
C LEU A 546 14.26 29.15 6.08
N GLU A 547 13.13 29.85 6.17
CA GLU A 547 11.95 29.50 7.01
C GLU A 547 10.85 28.95 6.09
N PHE A 548 10.63 27.63 6.11
CA PHE A 548 9.64 26.92 5.27
C PHE A 548 8.38 26.63 6.08
N PRO A 549 7.26 27.37 5.86
CA PRO A 549 6.01 27.09 6.54
C PRO A 549 5.36 25.80 6.00
N VAL A 550 5.09 24.84 6.89
CA VAL A 550 4.49 23.52 6.55
C VAL A 550 3.06 23.48 7.10
N GLU A 551 2.08 23.20 6.23
CA GLU A 551 0.64 23.19 6.54
C GLU A 551 0.10 21.77 6.41
N VAL A 552 0.90 20.76 6.78
CA VAL A 552 0.56 19.31 6.74
C VAL A 552 1.39 18.56 7.79
N ASN A 553 0.89 17.43 8.28
CA ASN A 553 1.69 16.43 9.05
C ASN A 553 2.50 15.61 8.04
N THR A 554 3.80 15.40 8.31
CA THR A 554 4.74 14.75 7.36
C THR A 554 6.06 14.39 8.06
N VAL A 555 6.99 13.80 7.31
CA VAL A 555 8.36 13.43 7.76
C VAL A 555 9.36 14.01 6.76
N LEU A 556 10.31 14.83 7.24
CA LEU A 556 11.34 15.49 6.41
C LEU A 556 12.49 14.49 6.18
N HIS A 557 12.80 14.19 4.92
CA HIS A 557 13.86 13.23 4.51
C HIS A 557 15.01 13.94 3.78
N GLY A 558 14.79 15.15 3.28
CA GLY A 558 15.81 15.95 2.58
C GLY A 558 15.25 17.22 1.98
N PHE A 559 16.03 17.89 1.11
CA PHE A 559 15.68 19.15 0.44
C PHE A 559 15.92 19.02 -1.07
N ALA A 560 14.85 19.13 -1.87
CA ALA A 560 14.90 19.24 -3.35
C ALA A 560 15.60 20.54 -3.72
N GLY A 561 16.51 20.48 -4.69
CA GLY A 561 17.27 21.64 -5.19
C GLY A 561 17.01 21.89 -6.66
N TYR A 562 16.75 23.15 -7.02
CA TYR A 562 16.51 23.61 -8.42
C TYR A 562 17.38 24.85 -8.66
N PHE A 563 17.22 25.50 -9.82
CA PHE A 563 17.89 26.77 -10.15
C PHE A 563 17.11 27.53 -11.23
N GLU A 564 17.25 28.86 -11.23
CA GLU A 564 16.84 29.77 -12.32
C GLU A 564 18.10 30.54 -12.77
N THR A 565 18.13 30.99 -14.03
CA THR A 565 19.25 31.81 -14.58
C THR A 565 18.70 32.81 -15.59
N VAL A 566 19.17 34.05 -15.50
CA VAL A 566 18.97 35.13 -16.51
C VAL A 566 20.12 35.04 -17.52
N LEU A 567 19.82 34.60 -18.75
CA LEU A 567 20.80 34.58 -19.87
C LEU A 567 21.07 36.02 -20.30
N TYR A 568 20.00 36.77 -20.61
CA TYR A 568 20.03 38.21 -20.95
C TYR A 568 18.61 38.77 -20.82
N GLN A 569 18.44 39.78 -19.96
CA GLN A 569 17.18 40.54 -19.75
C GLN A 569 16.04 39.56 -19.39
N ASP A 570 15.10 39.30 -20.32
CA ASP A 570 13.87 38.51 -20.05
C ASP A 570 14.04 37.07 -20.56
N ILE A 571 15.09 36.78 -21.33
CA ILE A 571 15.43 35.39 -21.77
C ILE A 571 16.03 34.66 -20.57
N THR A 572 15.36 33.61 -20.10
CA THR A 572 15.69 32.88 -18.84
C THR A 572 15.57 31.37 -19.06
N LEU A 573 16.35 30.59 -18.31
CA LEU A 573 16.18 29.12 -18.14
C LEU A 573 15.82 28.85 -16.68
N SER A 574 15.04 27.80 -16.43
CA SER A 574 14.55 27.42 -15.07
C SER A 574 14.20 25.93 -15.03
N ILE A 575 14.61 25.23 -13.98
CA ILE A 575 14.16 23.86 -13.64
C ILE A 575 13.37 23.90 -12.32
N ARG A 576 13.07 25.12 -11.84
CA ARG A 576 12.12 25.38 -10.73
C ARG A 576 10.73 24.94 -11.19
N PRO A 577 10.10 23.94 -10.53
CA PRO A 577 8.86 23.34 -11.03
C PRO A 577 7.79 24.36 -11.46
N GLU A 578 7.64 25.43 -10.69
CA GLU A 578 6.57 26.45 -10.85
C GLU A 578 6.81 27.25 -12.14
N THR A 579 8.08 27.52 -12.48
CA THR A 579 8.49 28.38 -13.62
C THR A 579 9.35 27.58 -14.60
N HIS A 580 9.23 26.25 -14.62
CA HIS A 580 10.09 25.32 -15.40
C HIS A 580 9.98 25.65 -16.90
N SER A 581 11.12 25.75 -17.58
CA SER A 581 11.21 25.95 -19.06
C SER A 581 10.55 24.76 -19.76
N PRO A 582 9.51 24.98 -20.60
CA PRO A 582 8.82 23.88 -21.27
C PRO A 582 9.72 23.03 -22.17
N GLY A 583 9.72 21.70 -21.95
CA GLY A 583 10.38 20.70 -22.80
C GLY A 583 11.90 20.79 -22.77
N MET A 584 12.47 21.07 -21.59
CA MET A 584 13.94 21.18 -21.36
C MET A 584 14.35 20.10 -20.34
N PHE A 585 15.27 19.21 -20.72
CA PHE A 585 15.67 18.02 -19.91
C PHE A 585 17.20 17.90 -19.83
N SER A 586 17.93 19.02 -19.97
CA SER A 586 19.40 19.08 -19.76
C SER A 586 19.73 18.86 -18.28
N TRP A 587 18.83 19.28 -17.38
CA TRP A 587 19.01 19.23 -15.90
C TRP A 587 17.83 18.50 -15.24
N PHE A 588 18.13 17.55 -14.35
CA PHE A 588 17.18 17.01 -13.34
C PHE A 588 17.43 17.74 -12.02
N PRO A 589 16.46 17.76 -11.08
CA PRO A 589 16.68 18.35 -9.76
C PRO A 589 17.82 17.66 -9.00
N ILE A 590 18.33 18.33 -7.96
CA ILE A 590 19.35 17.79 -7.01
C ILE A 590 18.65 17.50 -5.68
N LEU A 591 19.16 16.55 -4.89
CA LEU A 591 18.61 16.14 -3.58
C LEU A 591 19.71 16.23 -2.51
N PHE A 592 19.48 17.04 -1.48
CA PHE A 592 20.31 17.12 -0.24
C PHE A 592 19.59 16.34 0.87
N PRO A 593 19.95 15.07 1.12
CA PRO A 593 19.29 14.29 2.17
C PRO A 593 19.77 14.70 3.57
N ILE A 594 19.17 14.10 4.61
CA ILE A 594 19.62 14.22 6.03
C ILE A 594 19.72 12.82 6.63
N LYS A 595 20.60 12.63 7.63
CA LYS A 595 20.91 11.34 8.29
C LYS A 595 19.63 10.75 8.89
N GLN A 596 18.96 11.53 9.75
CA GLN A 596 17.74 11.12 10.49
C GLN A 596 16.53 11.86 9.94
N PRO A 597 15.44 11.15 9.60
CA PRO A 597 14.16 11.79 9.29
C PRO A 597 13.69 12.65 10.47
N ILE A 598 13.03 13.79 10.18
CA ILE A 598 12.53 14.74 11.21
C ILE A 598 11.00 14.84 11.06
N THR A 599 10.26 14.55 12.15
CA THR A 599 8.79 14.71 12.24
C THR A 599 8.45 16.20 12.18
N VAL A 600 7.58 16.59 11.24
CA VAL A 600 7.01 17.96 11.12
C VAL A 600 5.49 17.85 11.11
N ARG A 601 4.82 18.39 12.12
CA ARG A 601 3.34 18.34 12.23
C ARG A 601 2.75 19.70 11.80
N GLU A 602 1.50 19.67 11.31
CA GLU A 602 0.73 20.82 10.77
C GLU A 602 1.04 22.09 11.55
N GLY A 603 1.41 23.17 10.84
CA GLY A 603 1.60 24.52 11.40
C GLY A 603 3.08 24.86 11.59
N GLN A 604 3.89 23.88 12.02
CA GLN A 604 5.33 24.06 12.34
C GLN A 604 6.08 24.57 11.10
N THR A 605 7.13 25.38 11.33
CA THR A 605 8.04 25.90 10.29
C THR A 605 9.32 25.07 10.29
N ILE A 606 9.71 24.53 9.12
CA ILE A 606 11.03 23.89 8.89
C ILE A 606 12.07 24.99 8.65
N CYS A 607 13.08 25.09 9.52
CA CYS A 607 14.23 26.02 9.37
C CYS A 607 15.46 25.22 8.95
N VAL A 608 15.95 25.44 7.72
CA VAL A 608 17.19 24.83 7.18
C VAL A 608 18.24 25.92 7.00
N ARG A 609 19.50 25.61 7.35
CA ARG A 609 20.68 26.48 7.17
C ARG A 609 21.55 25.85 6.08
N PHE A 610 21.96 26.64 5.08
CA PHE A 610 22.85 26.20 3.98
C PHE A 610 24.07 27.12 3.90
N TRP A 611 25.26 26.53 3.97
CA TRP A 611 26.57 27.20 3.76
C TRP A 611 27.16 26.77 2.41
N ARG A 612 27.69 27.72 1.64
CA ARG A 612 28.64 27.46 0.53
C ARG A 612 30.04 27.80 1.05
N CYS A 613 30.85 26.77 1.29
CA CYS A 613 32.22 26.90 1.88
C CYS A 613 33.27 26.68 0.79
N SER A 614 34.51 27.10 1.04
CA SER A 614 35.63 26.98 0.09
C SER A 614 36.99 27.15 0.78
N ASN A 615 38.02 26.52 0.22
CA ASN A 615 39.45 26.88 0.38
C ASN A 615 40.02 27.07 -1.03
N SER A 616 41.35 27.11 -1.18
CA SER A 616 42.04 27.33 -2.48
C SER A 616 41.82 26.14 -3.43
N LYS A 617 41.63 24.93 -2.88
CA LYS A 617 41.63 23.65 -3.65
C LYS A 617 40.20 23.13 -3.86
N LYS A 618 39.28 23.35 -2.91
CA LYS A 618 37.94 22.71 -2.89
C LYS A 618 36.83 23.74 -2.63
N VAL A 619 35.64 23.46 -3.14
CA VAL A 619 34.35 24.14 -2.80
C VAL A 619 33.36 23.05 -2.38
N TRP A 620 32.54 23.32 -1.36
CA TRP A 620 31.51 22.35 -0.88
C TRP A 620 30.33 23.10 -0.24
N TYR A 621 29.25 22.36 0.01
CA TYR A 621 28.06 22.80 0.78
C TYR A 621 28.05 22.09 2.13
N GLU A 622 27.67 22.82 3.18
CA GLU A 622 27.23 22.26 4.48
C GLU A 622 25.76 22.66 4.67
N TRP A 623 24.99 21.85 5.40
CA TRP A 623 23.55 22.14 5.66
C TRP A 623 23.11 21.52 7.00
N ALA A 624 22.12 22.14 7.64
CA ALA A 624 21.58 21.74 8.96
C ALA A 624 20.13 22.22 9.09
N VAL A 625 19.25 21.34 9.57
CA VAL A 625 17.88 21.69 10.05
C VAL A 625 18.03 22.20 11.48
N THR A 626 17.42 23.34 11.81
CA THR A 626 17.46 23.98 13.15
C THR A 626 16.08 24.00 13.80
N ALA A 627 15.00 23.80 13.04
CA ALA A 627 13.60 23.74 13.52
C ALA A 627 12.77 22.83 12.62
N PRO A 628 11.75 22.11 13.13
CA PRO A 628 11.31 22.20 14.53
C PRO A 628 12.23 21.51 15.54
N VAL A 629 13.17 20.68 15.06
CA VAL A 629 14.28 20.07 15.85
C VAL A 629 15.59 20.28 15.07
N CYS A 630 16.72 20.31 15.78
CA CYS A 630 18.08 20.43 15.17
C CYS A 630 18.53 19.07 14.63
N SER A 631 19.10 19.05 13.42
CA SER A 631 19.90 17.94 12.86
C SER A 631 21.38 18.21 13.13
N ALA A 632 22.24 17.25 12.82
CA ALA A 632 23.72 17.45 12.75
C ALA A 632 24.01 18.38 11.56
N ILE A 633 25.10 19.13 11.63
CA ILE A 633 25.64 19.88 10.45
C ILE A 633 26.20 18.83 9.48
N HIS A 634 25.68 18.82 8.25
CA HIS A 634 25.99 17.79 7.21
C HIS A 634 27.19 18.24 6.37
N ASN A 635 28.14 17.33 6.17
CA ASN A 635 29.34 17.49 5.30
C ASN A 635 30.28 18.55 5.89
N PRO A 636 30.60 18.50 7.21
CA PRO A 636 31.55 19.43 7.79
C PRO A 636 32.96 19.24 7.20
N THR A 637 33.59 20.34 6.78
CA THR A 637 34.96 20.38 6.17
C THR A 637 34.97 19.63 4.84
N GLY A 638 33.81 19.49 4.19
CA GLY A 638 33.62 18.72 2.95
C GLY A 638 34.15 17.30 3.05
N ARG A 639 34.06 16.68 4.24
CA ARG A 639 34.64 15.34 4.53
C ARG A 639 33.99 14.29 3.63
N SER A 640 32.70 14.43 3.34
CA SER A 640 31.88 13.47 2.55
C SER A 640 31.79 13.90 1.08
N TYR A 641 31.79 15.21 0.82
CA TYR A 641 31.57 15.80 -0.53
C TYR A 641 32.37 17.09 -0.68
N THR A 642 33.20 17.16 -1.74
CA THR A 642 33.91 18.38 -2.19
C THR A 642 33.77 18.52 -3.72
N ILE A 643 33.71 19.76 -4.20
CA ILE A 643 33.72 20.11 -5.64
C ILE A 643 35.10 20.70 -5.96
N GLY A 644 35.90 19.99 -6.77
CA GLY A 644 37.30 20.32 -7.04
C GLY A 644 37.45 21.57 -7.88
N LEU A 645 38.32 22.50 -7.46
CA LEU A 645 38.78 23.66 -8.27
C LEU A 645 39.94 23.20 -9.15
N CYS B 34 -17.24 -40.37 -1.47
CA CYS B 34 -16.15 -39.76 -0.64
C CYS B 34 -16.68 -38.53 0.11
N MET B 35 -16.08 -38.21 1.25
CA MET B 35 -16.41 -37.03 2.10
C MET B 35 -15.10 -36.36 2.56
N GLU B 36 -15.19 -35.09 2.96
CA GLU B 36 -14.02 -34.27 3.40
C GLU B 36 -13.79 -34.49 4.90
N ARG B 37 -12.54 -34.32 5.34
CA ARG B 37 -12.04 -34.60 6.71
C ARG B 37 -12.77 -33.70 7.73
N GLN B 38 -12.80 -32.39 7.49
CA GLN B 38 -13.18 -31.36 8.50
C GLN B 38 -14.71 -31.20 8.54
N LEU B 39 -15.36 -31.88 9.49
CA LEU B 39 -16.81 -31.74 9.80
C LEU B 39 -17.04 -30.40 10.47
N GLU B 40 -17.85 -29.53 9.86
CA GLU B 40 -18.10 -28.13 10.32
C GLU B 40 -19.44 -28.05 11.06
N ALA B 41 -20.53 -28.54 10.44
CA ALA B 41 -21.92 -28.38 10.90
C ALA B 41 -22.53 -29.74 11.26
N ALA B 42 -23.44 -29.74 12.24
CA ALA B 42 -24.23 -30.90 12.69
C ALA B 42 -25.53 -30.40 13.33
N ARG B 43 -26.68 -30.67 12.70
CA ARG B 43 -28.03 -30.19 13.14
C ARG B 43 -29.04 -31.32 13.00
N TYR B 44 -29.84 -31.55 14.04
CA TYR B 44 -30.98 -32.52 14.05
C TYR B 44 -32.24 -31.83 13.53
N ARG B 45 -32.97 -32.50 12.64
CA ARG B 45 -34.32 -32.10 12.16
C ARG B 45 -35.36 -32.61 13.17
N SER B 46 -36.56 -32.02 13.16
CA SER B 46 -37.69 -32.35 14.08
C SER B 46 -37.95 -33.87 14.12
N ASP B 47 -37.81 -34.55 12.98
CA ASP B 47 -38.10 -36.01 12.84
C ASP B 47 -36.91 -36.86 13.31
N GLY B 48 -35.76 -36.22 13.58
CA GLY B 48 -34.58 -36.87 14.18
C GLY B 48 -33.52 -37.26 13.17
N ALA B 49 -33.59 -36.70 11.94
CA ALA B 49 -32.60 -36.89 10.86
C ALA B 49 -31.43 -35.93 11.08
N LEU B 50 -30.19 -36.40 10.85
CA LEU B 50 -28.93 -35.65 11.13
C LEU B 50 -28.40 -35.02 9.84
N LEU B 51 -28.26 -33.69 9.83
CA LEU B 51 -27.69 -32.90 8.71
C LEU B 51 -26.23 -32.55 9.04
N LEU B 52 -25.29 -33.03 8.22
CA LEU B 52 -23.83 -32.75 8.36
C LEU B 52 -23.37 -31.78 7.26
N GLY B 53 -22.54 -30.81 7.63
CA GLY B 53 -21.76 -29.96 6.72
C GLY B 53 -20.28 -30.26 6.86
N ALA B 54 -19.55 -30.34 5.74
CA ALA B 54 -18.12 -30.74 5.69
C ALA B 54 -17.35 -29.83 4.73
N SER B 55 -16.06 -29.63 5.00
CA SER B 55 -15.10 -28.86 4.18
C SER B 55 -13.77 -29.63 4.06
N SER B 56 -13.11 -29.52 2.90
CA SER B 56 -11.67 -29.85 2.72
C SER B 56 -10.87 -28.58 3.02
N LEU B 57 -10.17 -28.55 4.16
CA LEU B 57 -9.36 -27.37 4.61
C LEU B 57 -7.88 -27.62 4.34
N SER B 58 -7.54 -28.73 3.69
CA SER B 58 -6.16 -29.08 3.23
C SER B 58 -6.25 -30.08 2.08
N GLY B 59 -5.12 -30.29 1.38
CA GLY B 59 -5.03 -31.17 0.20
C GLY B 59 -5.22 -30.39 -1.09
N ARG B 60 -5.44 -31.11 -2.21
CA ARG B 60 -5.53 -30.54 -3.59
C ARG B 60 -6.76 -29.63 -3.69
N CYS B 61 -7.95 -30.17 -3.42
CA CYS B 61 -9.25 -29.49 -3.64
C CYS B 61 -9.81 -29.00 -2.29
N TRP B 62 -10.03 -27.69 -2.15
CA TRP B 62 -10.67 -27.03 -0.98
C TRP B 62 -12.16 -26.79 -1.28
N ALA B 63 -12.94 -27.88 -1.36
CA ALA B 63 -14.39 -27.87 -1.66
C ALA B 63 -15.18 -28.12 -0.36
N GLY B 64 -16.48 -28.39 -0.49
CA GLY B 64 -17.39 -28.75 0.63
C GLY B 64 -18.46 -29.72 0.18
N SER B 65 -19.28 -30.20 1.10
CA SER B 65 -20.35 -31.20 0.86
C SER B 65 -21.42 -31.14 1.95
N LEU B 66 -22.67 -31.46 1.58
CA LEU B 66 -23.84 -31.54 2.49
C LEU B 66 -24.37 -32.98 2.49
N TRP B 67 -24.68 -33.53 3.67
CA TRP B 67 -25.16 -34.93 3.85
C TRP B 67 -26.36 -34.96 4.81
N LEU B 68 -27.35 -35.81 4.52
CA LEU B 68 -28.49 -36.13 5.41
C LEU B 68 -28.40 -37.60 5.83
N PHE B 69 -28.61 -37.89 7.12
CA PHE B 69 -28.53 -39.24 7.73
C PHE B 69 -29.81 -39.53 8.52
N LYS B 70 -30.73 -40.30 7.94
CA LYS B 70 -31.97 -40.79 8.61
C LYS B 70 -31.59 -41.78 9.71
N ASP B 71 -30.44 -42.47 9.55
CA ASP B 71 -29.77 -43.27 10.61
C ASP B 71 -28.59 -42.44 11.14
N PRO B 72 -28.71 -41.80 12.32
CA PRO B 72 -27.66 -40.90 12.82
C PRO B 72 -26.38 -41.63 13.29
N CYS B 73 -26.50 -42.90 13.66
CA CYS B 73 -25.38 -43.77 14.10
C CYS B 73 -24.52 -44.21 12.91
N ALA B 74 -25.12 -44.26 11.71
CA ALA B 74 -24.44 -44.63 10.44
C ALA B 74 -23.41 -43.57 10.06
N ALA B 75 -23.69 -42.30 10.36
CA ALA B 75 -22.79 -41.14 10.13
C ALA B 75 -21.49 -41.36 10.89
N PRO B 76 -20.32 -40.90 10.38
CA PRO B 76 -20.23 -40.13 9.14
C PRO B 76 -20.02 -40.93 7.85
N ASN B 77 -20.21 -42.27 7.89
CA ASN B 77 -19.93 -43.20 6.76
C ASN B 77 -20.78 -42.80 5.55
N GLU B 78 -20.14 -42.65 4.38
CA GLU B 78 -20.75 -42.11 3.13
C GLU B 78 -21.72 -43.13 2.53
N GLY B 79 -21.36 -44.41 2.53
CA GLY B 79 -22.13 -45.52 1.92
C GLY B 79 -23.50 -45.69 2.55
N PHE B 80 -23.66 -45.34 3.83
CA PHE B 80 -24.90 -45.50 4.63
C PHE B 80 -25.49 -44.12 4.96
N CYS B 81 -25.63 -43.26 3.94
CA CYS B 81 -26.26 -41.92 4.03
C CYS B 81 -27.57 -41.91 3.23
N SER B 82 -28.49 -41.00 3.57
CA SER B 82 -29.81 -40.84 2.92
C SER B 82 -29.65 -40.05 1.61
N ALA B 83 -28.96 -38.91 1.67
CA ALA B 83 -28.69 -38.01 0.52
C ALA B 83 -27.34 -37.32 0.70
N GLY B 84 -26.68 -36.96 -0.41
CA GLY B 84 -25.37 -36.27 -0.41
C GLY B 84 -25.16 -35.47 -1.69
N VAL B 85 -24.43 -34.37 -1.60
CA VAL B 85 -24.10 -33.49 -2.77
C VAL B 85 -22.77 -32.77 -2.50
N GLN B 86 -22.05 -32.43 -3.57
CA GLN B 86 -20.78 -31.64 -3.55
C GLN B 86 -21.12 -30.15 -3.76
N THR B 87 -20.45 -29.27 -3.03
CA THR B 87 -20.52 -27.79 -3.18
C THR B 87 -19.20 -27.27 -3.78
N GLU B 88 -19.26 -26.16 -4.52
CA GLU B 88 -18.09 -25.55 -5.21
C GLU B 88 -16.95 -25.32 -4.22
N ALA B 89 -17.27 -24.81 -3.03
CA ALA B 89 -16.30 -24.39 -1.98
C ALA B 89 -16.73 -24.98 -0.63
N GLY B 90 -15.90 -24.79 0.40
CA GLY B 90 -16.14 -25.27 1.77
C GLY B 90 -17.34 -24.57 2.41
N VAL B 91 -17.98 -25.24 3.37
CA VAL B 91 -19.07 -24.67 4.21
C VAL B 91 -18.45 -24.21 5.53
N ALA B 92 -18.65 -22.93 5.88
CA ALA B 92 -18.15 -22.30 7.13
C ALA B 92 -19.21 -22.44 8.23
N ASP B 93 -20.49 -22.31 7.86
CA ASP B 93 -21.65 -22.47 8.76
C ASP B 93 -22.85 -23.00 7.97
N LEU B 94 -23.82 -23.60 8.66
CA LEU B 94 -25.03 -24.25 8.08
C LEU B 94 -26.22 -23.99 9.00
N THR B 95 -27.45 -24.16 8.48
CA THR B 95 -28.71 -24.16 9.28
C THR B 95 -29.86 -24.70 8.43
N TRP B 96 -30.85 -25.30 9.08
CA TRP B 96 -32.13 -25.74 8.46
C TRP B 96 -32.97 -24.50 8.08
N VAL B 97 -33.78 -24.62 7.02
CA VAL B 97 -34.84 -23.65 6.64
C VAL B 97 -36.15 -24.42 6.55
N GLY B 98 -36.80 -24.62 7.71
CA GLY B 98 -37.99 -25.48 7.86
C GLY B 98 -37.59 -26.95 7.90
N GLU B 99 -38.17 -27.76 7.00
CA GLU B 99 -38.02 -29.24 6.99
C GLU B 99 -37.20 -29.70 5.78
N ARG B 100 -37.22 -28.95 4.67
CA ARG B 100 -36.61 -29.35 3.37
C ARG B 100 -35.48 -28.39 2.94
N GLY B 101 -35.30 -27.27 3.64
CA GLY B 101 -34.32 -26.22 3.25
C GLY B 101 -33.02 -26.32 4.03
N ILE B 102 -31.89 -26.08 3.35
CA ILE B 102 -30.52 -26.06 3.95
C ILE B 102 -29.80 -24.79 3.48
N LEU B 103 -29.64 -23.81 4.37
CA LEU B 103 -28.95 -22.52 4.10
C LEU B 103 -27.47 -22.67 4.47
N VAL B 104 -26.57 -22.25 3.57
CA VAL B 104 -25.10 -22.51 3.64
C VAL B 104 -24.33 -21.20 3.54
N ALA B 105 -23.40 -20.98 4.48
CA ALA B 105 -22.38 -19.90 4.45
C ALA B 105 -21.11 -20.44 3.79
N SER B 106 -20.83 -20.02 2.56
CA SER B 106 -19.76 -20.56 1.69
C SER B 106 -18.47 -19.72 1.82
N ASP B 107 -17.32 -20.33 1.52
CA ASP B 107 -16.00 -19.65 1.43
C ASP B 107 -16.04 -18.66 0.25
N SER B 108 -16.81 -18.98 -0.79
CA SER B 108 -16.92 -18.22 -2.07
C SER B 108 -17.43 -16.79 -1.82
N GLY B 109 -18.13 -16.57 -0.71
CA GLY B 109 -18.79 -15.29 -0.37
C GLY B 109 -20.27 -15.34 -0.69
N ALA B 110 -20.73 -16.45 -1.26
CA ALA B 110 -22.16 -16.71 -1.59
C ALA B 110 -22.89 -17.23 -0.35
N VAL B 111 -24.14 -16.81 -0.18
CA VAL B 111 -25.17 -17.51 0.63
C VAL B 111 -26.02 -18.33 -0.35
N GLU B 112 -26.06 -19.65 -0.19
CA GLU B 112 -26.75 -20.57 -1.12
C GLU B 112 -27.76 -21.43 -0.34
N LEU B 113 -28.98 -21.56 -0.86
CA LEU B 113 -30.08 -22.37 -0.28
C LEU B 113 -30.20 -23.66 -1.10
N TRP B 114 -30.13 -24.82 -0.44
CA TRP B 114 -30.25 -26.16 -1.06
C TRP B 114 -31.62 -26.77 -0.69
N GLU B 115 -32.44 -27.01 -1.72
CA GLU B 115 -33.78 -27.66 -1.61
C GLU B 115 -33.56 -29.17 -1.51
N LEU B 116 -34.31 -29.84 -0.62
CA LEU B 116 -34.31 -31.32 -0.47
C LEU B 116 -35.33 -31.90 -1.46
N ASP B 117 -34.99 -33.04 -2.09
CA ASP B 117 -35.84 -33.75 -3.07
C ASP B 117 -37.20 -34.06 -2.42
N GLU B 118 -38.24 -34.25 -3.24
CA GLU B 118 -39.59 -34.68 -2.81
C GLU B 118 -39.47 -35.97 -1.99
N ASN B 119 -38.57 -36.88 -2.39
CA ASN B 119 -38.36 -38.22 -1.79
C ASN B 119 -37.15 -38.22 -0.85
N GLU B 120 -36.42 -37.09 -0.76
CA GLU B 120 -35.24 -36.87 0.13
C GLU B 120 -34.11 -37.83 -0.24
N THR B 121 -33.90 -38.07 -1.53
CA THR B 121 -32.77 -38.87 -2.09
C THR B 121 -31.68 -37.93 -2.63
N LEU B 122 -32.06 -36.70 -3.00
CA LEU B 122 -31.19 -35.69 -3.68
C LEU B 122 -31.19 -34.39 -2.87
N ILE B 123 -30.11 -33.61 -3.00
CA ILE B 123 -29.97 -32.22 -2.46
C ILE B 123 -29.61 -31.30 -3.64
N VAL B 124 -30.56 -30.49 -4.11
CA VAL B 124 -30.43 -29.63 -5.32
C VAL B 124 -30.36 -28.16 -4.90
N SER B 125 -29.52 -27.37 -5.58
CA SER B 125 -29.32 -25.92 -5.35
C SER B 125 -30.55 -25.15 -5.81
N LYS B 126 -31.17 -24.37 -4.91
CA LYS B 126 -32.35 -23.51 -5.20
C LYS B 126 -31.87 -22.14 -5.68
N PHE B 127 -30.86 -21.56 -5.01
CA PHE B 127 -30.17 -20.32 -5.43
C PHE B 127 -28.76 -20.28 -4.83
N CYS B 128 -27.86 -19.54 -5.48
CA CYS B 128 -26.47 -19.25 -5.03
C CYS B 128 -26.12 -17.80 -5.42
N LYS B 129 -26.18 -16.88 -4.46
CA LYS B 129 -26.04 -15.41 -4.69
C LYS B 129 -24.76 -14.90 -4.04
N TYR B 130 -23.84 -14.34 -4.85
CA TYR B 130 -22.51 -13.82 -4.43
C TYR B 130 -22.66 -12.33 -4.07
N GLU B 131 -22.99 -12.05 -2.81
CA GLU B 131 -23.29 -10.67 -2.32
C GLU B 131 -22.23 -10.21 -1.30
N HIS B 132 -21.52 -11.13 -0.63
CA HIS B 132 -20.39 -10.83 0.27
C HIS B 132 -19.08 -10.79 -0.55
N ASP B 133 -18.10 -10.00 -0.09
CA ASP B 133 -16.79 -9.77 -0.77
C ASP B 133 -15.70 -10.65 -0.13
N ASP B 134 -16.05 -11.42 0.90
CA ASP B 134 -15.12 -12.36 1.60
C ASP B 134 -15.93 -13.56 2.09
N ILE B 135 -15.29 -14.49 2.80
CA ILE B 135 -15.90 -15.73 3.37
C ILE B 135 -17.14 -15.34 4.19
N VAL B 136 -18.26 -16.05 3.97
CA VAL B 136 -19.48 -15.99 4.83
C VAL B 136 -19.22 -16.94 6.00
N SER B 137 -19.11 -16.39 7.22
CA SER B 137 -18.62 -17.11 8.44
C SER B 137 -19.80 -17.64 9.27
N THR B 138 -20.95 -16.98 9.21
CA THR B 138 -22.14 -17.29 10.07
C THR B 138 -23.44 -16.97 9.32
N VAL B 139 -24.45 -17.82 9.50
CA VAL B 139 -25.86 -17.60 9.03
C VAL B 139 -26.81 -18.01 10.16
N SER B 140 -28.00 -17.42 10.19
CA SER B 140 -29.05 -17.68 11.21
C SER B 140 -30.42 -17.33 10.62
N VAL B 141 -31.33 -18.30 10.56
CA VAL B 141 -32.74 -18.12 10.11
C VAL B 141 -33.51 -17.37 11.19
N LEU B 142 -34.30 -16.36 10.80
CA LEU B 142 -35.15 -15.53 11.71
C LEU B 142 -36.41 -16.32 12.08
N SER B 143 -37.18 -15.82 13.05
CA SER B 143 -38.34 -16.50 13.69
C SER B 143 -39.38 -16.93 12.64
N SER B 144 -39.65 -16.08 11.64
CA SER B 144 -40.65 -16.34 10.56
C SER B 144 -40.28 -17.60 9.77
N GLY B 145 -39.01 -17.71 9.36
CA GLY B 145 -38.47 -18.85 8.59
C GLY B 145 -38.43 -18.56 7.09
N THR B 146 -38.87 -17.37 6.68
CA THR B 146 -38.88 -16.89 5.27
C THR B 146 -37.69 -15.95 5.02
N GLN B 147 -37.06 -15.44 6.08
CA GLN B 147 -35.92 -14.49 6.02
C GLN B 147 -34.76 -15.02 6.87
N ALA B 148 -33.53 -14.66 6.50
CA ALA B 148 -32.27 -15.07 7.19
C ALA B 148 -31.32 -13.87 7.29
N VAL B 149 -30.33 -13.96 8.17
CA VAL B 149 -29.26 -12.94 8.37
C VAL B 149 -27.90 -13.66 8.31
N SER B 150 -26.95 -13.11 7.54
CA SER B 150 -25.59 -13.67 7.32
C SER B 150 -24.53 -12.67 7.82
N GLY B 151 -23.43 -13.19 8.37
CA GLY B 151 -22.24 -12.43 8.78
C GLY B 151 -21.01 -12.93 8.04
N SER B 152 -20.11 -12.03 7.64
CA SER B 152 -18.95 -12.32 6.76
C SER B 152 -17.67 -11.64 7.27
N LYS B 153 -16.53 -12.04 6.71
CA LYS B 153 -15.19 -11.47 7.00
C LYS B 153 -15.03 -10.13 6.28
N ASP B 154 -15.97 -9.78 5.39
CA ASP B 154 -16.03 -8.46 4.69
C ASP B 154 -16.58 -7.40 5.65
N ILE B 155 -16.93 -7.79 6.89
CA ILE B 155 -17.28 -6.89 8.05
C ILE B 155 -18.79 -6.56 8.00
N CYS B 156 -19.48 -6.91 6.91
CA CYS B 156 -20.90 -6.56 6.65
C CYS B 156 -21.83 -7.68 7.14
N ILE B 157 -23.00 -7.29 7.68
CA ILE B 157 -24.14 -8.20 8.00
C ILE B 157 -25.28 -7.86 7.03
N LYS B 158 -25.88 -8.88 6.41
CA LYS B 158 -26.98 -8.72 5.42
C LYS B 158 -28.21 -9.51 5.88
N VAL B 159 -29.40 -8.98 5.58
CA VAL B 159 -30.71 -9.65 5.83
C VAL B 159 -31.26 -10.12 4.48
N TRP B 160 -31.60 -11.42 4.38
CA TRP B 160 -32.02 -12.10 3.13
C TRP B 160 -33.54 -12.35 3.14
N ASP B 161 -34.15 -12.31 1.95
CA ASP B 161 -35.51 -12.82 1.67
C ASP B 161 -35.35 -14.14 0.90
N LEU B 162 -35.68 -15.27 1.54
CA LEU B 162 -35.44 -16.64 1.01
C LEU B 162 -36.49 -16.99 -0.05
N ALA B 163 -37.58 -16.21 -0.13
CA ALA B 163 -38.65 -16.34 -1.15
C ALA B 163 -38.23 -15.63 -2.44
N GLN B 164 -37.87 -14.34 -2.34
CA GLN B 164 -37.47 -13.47 -3.48
C GLN B 164 -36.03 -13.79 -3.90
N GLN B 165 -35.23 -14.35 -2.98
CA GLN B 165 -33.80 -14.75 -3.20
C GLN B 165 -32.95 -13.48 -3.42
N VAL B 166 -33.16 -12.44 -2.61
CA VAL B 166 -32.47 -11.13 -2.71
C VAL B 166 -32.07 -10.66 -1.30
N VAL B 167 -31.16 -9.68 -1.24
CA VAL B 167 -30.72 -9.00 0.02
C VAL B 167 -31.61 -7.79 0.24
N LEU B 168 -32.45 -7.81 1.30
CA LEU B 168 -33.37 -6.70 1.66
C LEU B 168 -32.55 -5.52 2.22
N SER B 169 -31.63 -5.80 3.15
CA SER B 169 -30.78 -4.80 3.85
C SER B 169 -29.33 -5.29 3.93
N SER B 170 -28.38 -4.36 3.82
CA SER B 170 -26.91 -4.59 3.99
C SER B 170 -26.37 -3.56 4.99
N TYR B 171 -25.84 -4.04 6.12
CA TYR B 171 -25.36 -3.20 7.26
C TYR B 171 -23.84 -3.37 7.42
N ARG B 172 -23.13 -2.25 7.58
CA ARG B 172 -21.68 -2.21 7.94
C ARG B 172 -21.54 -1.52 9.30
N ALA B 173 -21.97 -2.20 10.37
CA ALA B 173 -21.96 -1.71 11.77
C ALA B 173 -20.57 -1.92 12.38
N HIS B 174 -19.95 -3.05 12.09
CA HIS B 174 -18.67 -3.50 12.72
C HIS B 174 -17.46 -2.88 12.00
N ALA B 175 -16.29 -2.96 12.64
CA ALA B 175 -15.00 -2.44 12.14
C ALA B 175 -14.01 -3.58 11.86
N ALA B 176 -14.45 -4.83 12.04
CA ALA B 176 -13.65 -6.06 11.84
C ALA B 176 -14.58 -7.22 11.45
N GLN B 177 -14.00 -8.37 11.09
CA GLN B 177 -14.73 -9.55 10.56
C GLN B 177 -15.79 -10.02 11.56
N VAL B 178 -16.99 -10.33 11.06
CA VAL B 178 -18.18 -10.75 11.86
C VAL B 178 -17.98 -12.23 12.23
N THR B 179 -17.98 -12.54 13.53
CA THR B 179 -17.65 -13.88 14.09
C THR B 179 -18.93 -14.74 14.14
N CYS B 180 -19.99 -14.22 14.75
CA CYS B 180 -21.29 -14.93 14.93
C CYS B 180 -22.47 -13.95 14.80
N VAL B 181 -23.56 -14.40 14.17
CA VAL B 181 -24.89 -13.74 14.17
C VAL B 181 -25.92 -14.78 14.60
N ALA B 182 -26.83 -14.40 15.52
CA ALA B 182 -27.84 -15.30 16.13
C ALA B 182 -29.19 -14.60 16.19
N ALA B 183 -30.14 -15.03 15.33
CA ALA B 183 -31.54 -14.55 15.30
C ALA B 183 -32.21 -14.85 16.63
N SER B 184 -33.03 -13.93 17.14
CA SER B 184 -33.89 -14.15 18.33
C SER B 184 -34.88 -15.26 18.00
N PRO B 185 -35.21 -16.15 18.97
CA PRO B 185 -36.12 -17.26 18.70
C PRO B 185 -37.49 -16.86 18.10
N HIS B 186 -38.08 -15.78 18.61
CA HIS B 186 -39.53 -15.43 18.40
C HIS B 186 -39.71 -14.07 17.72
N LYS B 187 -38.69 -13.21 17.68
CA LYS B 187 -38.78 -11.83 17.11
C LYS B 187 -38.02 -11.79 15.78
N ASP B 188 -38.73 -11.45 14.70
CA ASP B 188 -38.25 -11.55 13.29
C ASP B 188 -37.42 -10.30 12.94
N SER B 189 -37.57 -9.21 13.70
CA SER B 189 -36.86 -7.92 13.50
C SER B 189 -35.63 -7.82 14.42
N VAL B 190 -35.47 -8.78 15.35
CA VAL B 190 -34.40 -8.76 16.40
C VAL B 190 -33.41 -9.90 16.14
N PHE B 191 -32.11 -9.63 16.30
CA PHE B 191 -31.00 -10.63 16.25
C PHE B 191 -29.76 -10.03 16.93
N LEU B 192 -28.80 -10.90 17.27
CA LEU B 192 -27.50 -10.52 17.87
C LEU B 192 -26.39 -10.68 16.82
N SER B 193 -25.25 -10.01 17.04
CA SER B 193 -24.02 -10.14 16.25
C SER B 193 -22.81 -9.78 17.13
N CYS B 194 -21.69 -10.48 16.94
CA CYS B 194 -20.40 -10.19 17.60
C CYS B 194 -19.26 -10.29 16.59
N SER B 195 -18.20 -9.51 16.78
CA SER B 195 -17.11 -9.28 15.81
C SER B 195 -15.78 -9.12 16.55
N GLU B 196 -14.68 -9.04 15.81
CA GLU B 196 -13.29 -8.90 16.33
C GLU B 196 -12.98 -7.43 16.60
N ASP B 197 -13.95 -6.53 16.40
CA ASP B 197 -13.90 -5.12 16.87
C ASP B 197 -14.35 -5.06 18.33
N ASN B 198 -14.62 -6.22 18.94
CA ASN B 198 -14.88 -6.42 20.40
C ASN B 198 -16.27 -5.88 20.74
N ARG B 199 -17.18 -5.81 19.75
CA ARG B 199 -18.58 -5.33 19.90
C ARG B 199 -19.53 -6.53 19.91
N ILE B 200 -20.48 -6.53 20.84
CA ILE B 200 -21.70 -7.40 20.82
C ILE B 200 -22.90 -6.47 20.55
N LEU B 201 -23.46 -6.53 19.34
CA LEU B 201 -24.56 -5.64 18.88
C LEU B 201 -25.90 -6.38 18.96
N LEU B 202 -26.86 -5.83 19.70
CA LEU B 202 -28.31 -6.20 19.62
C LEU B 202 -28.94 -5.38 18.49
N TRP B 203 -29.61 -6.06 17.56
CA TRP B 203 -30.26 -5.45 16.36
C TRP B 203 -31.77 -5.40 16.56
N ASP B 204 -32.39 -4.28 16.17
CA ASP B 204 -33.85 -4.13 16.01
C ASP B 204 -34.08 -3.32 14.72
N THR B 205 -34.51 -3.99 13.65
CA THR B 205 -34.60 -3.44 12.27
C THR B 205 -35.82 -2.50 12.15
N ARG B 206 -36.57 -2.28 13.24
CA ARG B 206 -37.70 -1.32 13.30
C ARG B 206 -37.18 0.07 13.65
N CYS B 207 -35.92 0.19 14.07
CA CYS B 207 -35.24 1.47 14.43
C CYS B 207 -34.41 1.97 13.25
N PRO B 208 -34.31 3.31 13.06
CA PRO B 208 -33.47 3.87 12.00
C PRO B 208 -31.98 3.59 12.22
N LYS B 209 -31.55 3.56 13.48
CA LYS B 209 -30.22 3.04 13.93
C LYS B 209 -30.43 1.69 14.59
N PRO B 210 -30.44 0.58 13.81
CA PRO B 210 -30.88 -0.72 14.33
C PRO B 210 -29.95 -1.43 15.33
N ALA B 211 -28.66 -1.10 15.32
CA ALA B 211 -27.63 -1.75 16.19
C ALA B 211 -27.54 -1.02 17.52
N SER B 212 -27.31 -1.78 18.62
CA SER B 212 -27.09 -1.26 19.99
C SER B 212 -25.99 -2.07 20.69
N GLN B 213 -24.92 -1.39 21.12
CA GLN B 213 -23.72 -2.00 21.75
C GLN B 213 -24.04 -2.37 23.21
N ILE B 214 -23.64 -3.57 23.65
CA ILE B 214 -23.90 -4.11 25.02
C ILE B 214 -22.56 -4.55 25.65
N GLY B 215 -22.44 -5.83 26.04
CA GLY B 215 -21.20 -6.41 26.61
C GLY B 215 -21.00 -6.04 28.06
N CYS B 216 -20.01 -6.67 28.71
CA CYS B 216 -19.62 -6.46 30.13
C CYS B 216 -18.95 -5.08 30.26
N SER B 217 -18.99 -4.50 31.47
CA SER B 217 -18.59 -3.10 31.79
C SER B 217 -17.38 -2.65 30.95
N ALA B 218 -16.25 -3.36 31.08
CA ALA B 218 -14.95 -2.99 30.46
C ALA B 218 -14.75 -3.76 29.15
N PRO B 219 -13.84 -3.31 28.26
CA PRO B 219 -13.54 -4.03 27.02
C PRO B 219 -12.89 -5.39 27.29
N GLY B 220 -13.71 -6.44 27.46
CA GLY B 220 -13.25 -7.82 27.69
C GLY B 220 -12.63 -8.43 26.46
N TYR B 221 -12.26 -9.71 26.52
CA TYR B 221 -11.66 -10.49 25.41
C TYR B 221 -12.73 -10.72 24.33
N LEU B 222 -12.29 -10.82 23.06
CA LEU B 222 -13.16 -10.76 21.85
C LEU B 222 -14.26 -11.82 21.94
N PRO B 223 -15.53 -11.47 21.65
CA PRO B 223 -16.62 -12.45 21.63
C PRO B 223 -16.58 -13.33 20.37
N THR B 224 -16.78 -14.64 20.54
CA THR B 224 -16.55 -15.68 19.50
C THR B 224 -17.83 -16.50 19.21
N SER B 225 -18.76 -16.60 20.16
CA SER B 225 -20.01 -17.41 20.04
C SER B 225 -21.19 -16.69 20.71
N LEU B 226 -22.40 -16.86 20.15
CA LEU B 226 -23.67 -16.23 20.65
C LEU B 226 -24.80 -17.26 20.62
N ALA B 227 -25.60 -17.32 21.69
CA ALA B 227 -26.79 -18.17 21.81
C ALA B 227 -27.85 -17.47 22.68
N TRP B 228 -29.03 -17.19 22.10
CA TRP B 228 -30.24 -16.73 22.82
C TRP B 228 -30.72 -17.85 23.75
N HIS B 229 -31.26 -17.50 24.92
CA HIS B 229 -31.91 -18.44 25.87
C HIS B 229 -33.24 -18.87 25.27
N PRO B 230 -33.56 -20.19 25.21
CA PRO B 230 -34.75 -20.68 24.51
C PRO B 230 -36.09 -20.13 25.03
N GLN B 231 -36.20 -19.87 26.33
CA GLN B 231 -37.46 -19.53 27.03
C GLN B 231 -37.41 -18.08 27.55
N GLN B 232 -36.35 -17.73 28.28
CA GLN B 232 -36.14 -16.38 28.87
C GLN B 232 -35.77 -15.40 27.75
N SER B 233 -36.75 -14.59 27.29
CA SER B 233 -36.55 -13.47 26.34
C SER B 233 -35.60 -12.45 26.96
N GLU B 234 -34.81 -11.76 26.13
CA GLU B 234 -33.90 -10.65 26.52
C GLU B 234 -32.67 -11.20 27.26
N VAL B 235 -32.48 -12.52 27.28
CA VAL B 235 -31.34 -13.21 27.96
C VAL B 235 -30.59 -14.06 26.92
N PHE B 236 -29.26 -13.89 26.83
CA PHE B 236 -28.37 -14.64 25.92
C PHE B 236 -27.06 -14.95 26.64
N VAL B 237 -26.27 -15.87 26.07
CA VAL B 237 -24.90 -16.23 26.55
C VAL B 237 -23.91 -15.99 25.40
N PHE B 238 -22.72 -15.50 25.72
CA PHE B 238 -21.61 -15.26 24.75
C PHE B 238 -20.32 -15.87 25.29
N GLY B 239 -19.56 -16.55 24.41
CA GLY B 239 -18.21 -17.06 24.69
C GLY B 239 -17.16 -16.16 24.09
N ASP B 240 -15.98 -16.08 24.69
CA ASP B 240 -14.85 -15.22 24.22
C ASP B 240 -13.69 -16.11 23.76
N GLU B 241 -12.63 -15.49 23.24
CA GLU B 241 -11.43 -16.17 22.69
C GLU B 241 -10.55 -16.71 23.82
N ASN B 242 -10.80 -16.31 25.08
CA ASN B 242 -10.02 -16.71 26.28
C ASN B 242 -10.60 -17.98 26.91
N GLY B 243 -11.78 -18.42 26.46
CA GLY B 243 -12.41 -19.68 26.90
C GLY B 243 -13.47 -19.47 27.99
N THR B 244 -13.81 -18.21 28.28
CA THR B 244 -14.84 -17.81 29.28
C THR B 244 -16.22 -17.79 28.61
N VAL B 245 -17.22 -18.38 29.26
CA VAL B 245 -18.66 -18.33 28.86
C VAL B 245 -19.38 -17.40 29.84
N SER B 246 -20.12 -16.41 29.32
CA SER B 246 -20.79 -15.34 30.10
C SER B 246 -22.31 -15.37 29.86
N LEU B 247 -23.08 -15.16 30.93
CA LEU B 247 -24.57 -14.99 30.89
C LEU B 247 -24.89 -13.50 31.05
N VAL B 248 -25.59 -12.93 30.05
CA VAL B 248 -25.87 -11.46 29.95
C VAL B 248 -27.38 -11.25 29.79
N ASP B 249 -27.90 -10.18 30.39
CA ASP B 249 -29.32 -9.74 30.28
C ASP B 249 -29.35 -8.37 29.60
N THR B 250 -30.03 -8.26 28.45
CA THR B 250 -30.14 -7.01 27.65
C THR B 250 -30.92 -5.95 28.44
N LYS B 251 -31.90 -6.38 29.24
CA LYS B 251 -32.75 -5.51 30.10
C LYS B 251 -31.86 -4.79 31.12
N SER B 252 -31.00 -5.54 31.82
CA SER B 252 -30.04 -5.03 32.84
C SER B 252 -28.78 -4.48 32.16
N THR B 253 -28.50 -4.95 30.94
CA THR B 253 -27.30 -4.62 30.11
C THR B 253 -26.03 -4.67 30.97
N SER B 254 -25.93 -5.68 31.85
CA SER B 254 -24.81 -5.89 32.81
C SER B 254 -24.30 -7.34 32.69
N CYS B 255 -23.07 -7.57 33.13
CA CYS B 255 -22.35 -8.88 33.07
C CYS B 255 -22.62 -9.65 34.38
N VAL B 256 -23.85 -10.17 34.52
CA VAL B 256 -24.40 -10.72 35.79
C VAL B 256 -23.58 -11.93 36.26
N LEU B 257 -23.16 -12.80 35.33
CA LEU B 257 -22.46 -14.08 35.65
C LEU B 257 -21.55 -14.50 34.49
N SER B 258 -20.44 -15.18 34.82
CA SER B 258 -19.47 -15.77 33.86
C SER B 258 -18.65 -16.85 34.57
N SER B 259 -18.01 -17.74 33.79
CA SER B 259 -17.17 -18.87 34.28
C SER B 259 -16.10 -19.22 33.25
N ALA B 260 -14.87 -19.46 33.71
CA ALA B 260 -13.73 -19.94 32.90
C ALA B 260 -13.93 -21.43 32.60
N VAL B 261 -14.73 -21.74 31.57
CA VAL B 261 -15.16 -23.12 31.21
C VAL B 261 -14.00 -23.82 30.48
N HIS B 262 -13.57 -23.26 29.34
CA HIS B 262 -12.57 -23.85 28.42
C HIS B 262 -11.21 -23.17 28.58
N SER B 263 -10.14 -23.85 28.13
CA SER B 263 -8.75 -23.36 28.16
C SER B 263 -8.40 -22.64 26.85
N GLN B 264 -9.30 -22.66 25.86
CA GLN B 264 -9.13 -21.98 24.55
C GLN B 264 -10.48 -21.44 24.06
N CYS B 265 -10.44 -20.68 22.96
CA CYS B 265 -11.58 -19.99 22.28
C CYS B 265 -12.85 -20.86 22.31
N VAL B 266 -13.97 -20.27 22.73
CA VAL B 266 -15.34 -20.89 22.72
C VAL B 266 -15.96 -20.63 21.35
N THR B 267 -16.03 -21.66 20.49
CA THR B 267 -16.41 -21.55 19.06
C THR B 267 -17.93 -21.76 18.87
N GLY B 268 -18.60 -22.39 19.84
CA GLY B 268 -20.04 -22.69 19.75
C GLY B 268 -20.72 -22.78 21.11
N LEU B 269 -21.96 -22.29 21.19
CA LEU B 269 -22.85 -22.41 22.38
C LEU B 269 -24.24 -22.82 21.90
N VAL B 270 -24.79 -23.92 22.44
CA VAL B 270 -26.12 -24.47 22.05
C VAL B 270 -26.87 -24.88 23.33
N PHE B 271 -28.09 -24.37 23.50
CA PHE B 271 -29.02 -24.73 24.60
C PHE B 271 -29.78 -26.00 24.23
N SER B 272 -30.13 -26.81 25.23
CA SER B 272 -30.89 -28.09 25.08
C SER B 272 -32.38 -27.79 24.98
N PRO B 273 -33.19 -28.72 24.41
CA PRO B 273 -34.65 -28.57 24.38
C PRO B 273 -35.35 -28.77 25.73
N HIS B 274 -34.61 -29.24 26.75
CA HIS B 274 -35.12 -29.52 28.13
C HIS B 274 -35.88 -28.31 28.68
N SER B 275 -36.86 -28.55 29.56
CA SER B 275 -37.68 -27.51 30.25
C SER B 275 -36.75 -26.53 31.00
N VAL B 276 -35.84 -27.08 31.80
CA VAL B 276 -34.71 -26.32 32.44
C VAL B 276 -33.45 -26.64 31.63
N PRO B 277 -33.14 -25.83 30.58
CA PRO B 277 -32.21 -26.26 29.54
C PRO B 277 -30.74 -26.25 29.96
N PHE B 278 -29.99 -27.26 29.53
CA PHE B 278 -28.51 -27.36 29.68
C PHE B 278 -27.84 -26.59 28.55
N LEU B 279 -26.66 -26.01 28.81
CA LEU B 279 -25.88 -25.22 27.83
C LEU B 279 -24.60 -26.00 27.45
N ALA B 280 -24.57 -26.53 26.23
CA ALA B 280 -23.39 -27.22 25.64
C ALA B 280 -22.45 -26.16 25.03
N SER B 281 -21.21 -26.09 25.52
CA SER B 281 -20.17 -25.13 25.08
C SER B 281 -19.04 -25.87 24.33
N LEU B 282 -18.73 -25.42 23.12
CA LEU B 282 -17.73 -26.00 22.19
C LEU B 282 -16.48 -25.11 22.18
N SER B 283 -15.28 -25.71 22.09
CA SER B 283 -13.99 -24.98 22.15
C SER B 283 -12.94 -25.64 21.26
N GLU B 284 -11.84 -24.92 21.01
CA GLU B 284 -10.66 -25.37 20.23
C GLU B 284 -9.71 -26.17 21.12
N ASP B 285 -9.99 -26.25 22.43
CA ASP B 285 -9.27 -27.14 23.38
C ASP B 285 -9.68 -28.59 23.14
N CYS B 286 -10.60 -28.83 22.19
CA CYS B 286 -11.03 -30.16 21.67
C CYS B 286 -11.86 -30.89 22.73
N SER B 287 -12.73 -30.15 23.45
CA SER B 287 -13.59 -30.67 24.55
C SER B 287 -15.01 -30.13 24.42
N LEU B 288 -16.00 -30.97 24.75
CA LEU B 288 -17.41 -30.56 25.00
C LEU B 288 -17.58 -30.34 26.50
N ALA B 289 -18.40 -29.34 26.88
CA ALA B 289 -18.75 -29.03 28.29
C ALA B 289 -20.23 -28.63 28.37
N VAL B 290 -21.03 -29.42 29.09
CA VAL B 290 -22.48 -29.16 29.33
C VAL B 290 -22.61 -28.44 30.68
N LEU B 291 -23.35 -27.33 30.72
CA LEU B 291 -23.45 -26.40 31.88
C LEU B 291 -24.92 -26.23 32.27
N ASP B 292 -25.18 -25.91 33.55
CA ASP B 292 -26.53 -25.65 34.10
C ASP B 292 -26.86 -24.16 33.92
N SER B 293 -27.90 -23.66 34.59
CA SER B 293 -28.39 -22.26 34.52
C SER B 293 -27.37 -21.30 35.17
N SER B 294 -26.53 -21.80 36.08
CA SER B 294 -25.50 -21.02 36.83
C SER B 294 -24.09 -21.29 36.27
N LEU B 295 -24.01 -21.90 35.07
CA LEU B 295 -22.74 -22.13 34.31
C LEU B 295 -21.74 -22.94 35.15
N SER B 296 -22.23 -23.95 35.89
CA SER B 296 -21.40 -24.93 36.64
C SER B 296 -21.24 -26.20 35.80
N GLU B 297 -20.05 -26.79 35.79
CA GLU B 297 -19.68 -27.98 34.96
C GLU B 297 -20.39 -29.23 35.49
N LEU B 298 -21.32 -29.78 34.70
CA LEU B 298 -22.08 -31.03 35.00
C LEU B 298 -21.41 -32.22 34.30
N PHE B 299 -21.12 -32.07 32.99
CA PHE B 299 -20.52 -33.11 32.11
C PHE B 299 -19.39 -32.49 31.28
N ARG B 300 -18.43 -33.32 30.85
CA ARG B 300 -17.31 -32.93 29.97
C ARG B 300 -16.79 -34.17 29.22
N SER B 301 -16.40 -34.00 27.96
CA SER B 301 -15.92 -35.09 27.06
C SER B 301 -14.61 -34.69 26.37
N GLN B 302 -13.59 -35.54 26.46
CA GLN B 302 -12.27 -35.39 25.79
C GLN B 302 -12.21 -36.35 24.58
N ALA B 303 -13.36 -36.77 24.08
CA ALA B 303 -13.52 -37.80 23.03
C ALA B 303 -12.83 -37.35 21.73
N HIS B 304 -13.08 -36.10 21.32
CA HIS B 304 -12.49 -35.48 20.10
C HIS B 304 -10.98 -35.29 20.30
N ARG B 305 -10.20 -35.48 19.23
CA ARG B 305 -8.72 -35.30 19.20
C ARG B 305 -8.35 -34.16 18.25
N ASP B 306 -9.34 -33.41 17.74
CA ASP B 306 -9.17 -32.14 17.01
C ASP B 306 -10.30 -31.19 17.46
N PHE B 307 -10.33 -29.96 16.93
CA PHE B 307 -11.31 -28.90 17.30
C PHE B 307 -12.73 -29.45 17.22
N VAL B 308 -13.57 -29.11 18.21
CA VAL B 308 -15.03 -29.43 18.25
C VAL B 308 -15.77 -28.25 17.63
N ARG B 309 -16.46 -28.47 16.50
CA ARG B 309 -17.00 -27.41 15.60
C ARG B 309 -18.45 -27.09 15.96
N ASP B 310 -19.33 -28.10 15.95
CA ASP B 310 -20.80 -27.94 16.15
C ASP B 310 -21.34 -29.02 17.09
N ALA B 311 -22.50 -28.76 17.68
CA ALA B 311 -23.24 -29.67 18.60
C ALA B 311 -24.75 -29.47 18.41
N THR B 312 -25.53 -30.55 18.49
CA THR B 312 -27.00 -30.54 18.32
C THR B 312 -27.61 -31.64 19.20
N TRP B 313 -28.69 -31.31 19.92
CA TRP B 313 -29.44 -32.23 20.82
C TRP B 313 -30.48 -33.01 19.99
N SER B 314 -30.64 -34.30 20.28
CA SER B 314 -31.63 -35.20 19.62
C SER B 314 -33.03 -34.85 20.14
N PRO B 315 -34.00 -34.54 19.25
CA PRO B 315 -35.37 -34.26 19.68
C PRO B 315 -36.14 -35.54 20.08
N LEU B 316 -35.66 -36.71 19.65
CA LEU B 316 -36.21 -38.04 20.01
C LEU B 316 -35.80 -38.41 21.44
N ASN B 317 -34.51 -38.24 21.75
CA ASN B 317 -33.91 -38.50 23.09
C ASN B 317 -33.15 -37.25 23.54
N HIS B 318 -33.79 -36.40 24.36
CA HIS B 318 -33.29 -35.07 24.80
C HIS B 318 -31.98 -35.21 25.60
N SER B 319 -31.74 -36.37 26.22
CA SER B 319 -30.51 -36.70 27.00
C SER B 319 -29.32 -36.93 26.06
N LEU B 320 -29.59 -37.34 24.81
CA LEU B 320 -28.55 -37.67 23.79
C LEU B 320 -28.11 -36.38 23.07
N LEU B 321 -26.79 -36.12 23.05
CA LEU B 321 -26.16 -34.93 22.43
C LEU B 321 -25.09 -35.40 21.43
N THR B 322 -25.16 -34.91 20.19
CA THR B 322 -24.25 -35.28 19.07
C THR B 322 -23.31 -34.11 18.75
N THR B 323 -21.99 -34.34 18.80
CA THR B 323 -20.93 -33.36 18.47
C THR B 323 -20.11 -33.86 17.28
N VAL B 324 -19.57 -32.93 16.48
CA VAL B 324 -18.68 -33.21 15.31
C VAL B 324 -17.44 -32.31 15.42
N GLY B 325 -16.30 -32.79 14.91
CA GLY B 325 -15.01 -32.07 14.95
C GLY B 325 -14.18 -32.32 13.70
N TRP B 326 -13.00 -31.69 13.62
CA TRP B 326 -12.07 -31.78 12.46
C TRP B 326 -11.31 -33.11 12.46
N ASP B 327 -11.53 -33.95 13.49
CA ASP B 327 -10.97 -35.32 13.58
C ASP B 327 -11.86 -36.31 12.82
N HIS B 328 -12.95 -35.83 12.20
CA HIS B 328 -13.90 -36.62 11.37
C HIS B 328 -14.69 -37.60 12.25
N GLN B 329 -14.86 -37.27 13.54
CA GLN B 329 -15.64 -38.08 14.52
C GLN B 329 -17.05 -37.50 14.65
N VAL B 330 -18.05 -38.38 14.77
CA VAL B 330 -19.46 -38.03 15.15
C VAL B 330 -19.76 -38.78 16.45
N VAL B 331 -19.51 -38.13 17.59
CA VAL B 331 -19.63 -38.73 18.96
C VAL B 331 -21.05 -38.46 19.48
N HIS B 332 -21.78 -39.52 19.85
CA HIS B 332 -23.13 -39.48 20.46
C HIS B 332 -23.00 -39.66 21.98
N HIS B 333 -23.14 -38.56 22.74
CA HIS B 333 -22.98 -38.52 24.22
C HIS B 333 -24.29 -38.86 24.92
N VAL B 334 -24.22 -39.17 26.22
CA VAL B 334 -25.39 -39.40 27.12
C VAL B 334 -25.22 -38.51 28.35
N VAL B 335 -25.99 -37.42 28.44
CA VAL B 335 -25.85 -36.36 29.46
C VAL B 335 -26.79 -36.67 30.62
N PRO B 336 -26.28 -36.78 31.87
CA PRO B 336 -27.13 -37.04 33.03
C PRO B 336 -27.89 -35.79 33.48
#